data_4BEP
#
_entry.id   4BEP
#
_cell.length_a   55.268
_cell.length_b   91.633
_cell.length_c   239.151
_cell.angle_alpha   90.00
_cell.angle_beta   90.00
_cell.angle_gamma   90.00
#
_symmetry.space_group_name_H-M   'P 21 21 21'
#
loop_
_entity.id
_entity.type
_entity.pdbx_description
1 polymer 'PHOSPHOCHOLINE TRANSFERASE ANKX'
2 non-polymer 'SULFATE ION'
3 non-polymer 'MAGNESIUM ION'
4 water water
#
_entity_poly.entity_id   1
_entity_poly.type   'polypeptide(L)'
_entity_poly.pdbx_seq_one_letter_code
;(MSE)SYYHHHHHHLESTSLYKKAGLENLYFQGVKI(MSE)PNLPGLYFLQAYPSEEIWRLFVDGRFWSKENGWRGYESR
EPGCLNAALESLCSIALQVEKSGEEFELSVDLIKRIHKKCGKKVEELQEKNPGELRTDEPVSFGIPAGRASIKGIEEFLS
LVFLTEGGAEFGPGKAGPFGPRFDKNYFKNLNPEQIPDLAKQIYFD(MSE)CKYGHSNTNHFYLAV(MSE)KNVDVYLEK
ITQSYNKEIKTAETLDEKLKIIVKHIR(MSE)YEVLHPFRDANGRTFVNNLLNIPL(MSE)QQGLPPATFYEPNVFDLYS
AEELVVVVKEAIFNTVEIIEQSKRKTPITLYGYHSSLEEQTKFRD(MSE)LDSPSYEKIKH(MSE)DFSDLNPEKLHLKT
QKCLSSLNEQYPLHRGAIYLSDPGEIKLLLSNRNESQINQQIEQGAPPIYVGKTPAHLAVISGN(MSE)A(MSE)LDELI
AKKADLSLQDYDGKTALHYAAECGN(MSE)QI(MSE)GKILKVVLSQEDAIKVLNIKDNHGKTAFHYAAEFGTPELISAL
;
_entity_poly.pdbx_strand_id   A,B
#
loop_
_chem_comp.id
_chem_comp.type
_chem_comp.name
_chem_comp.formula
MG non-polymer 'MAGNESIUM ION' 'Mg 2'
SO4 non-polymer 'SULFATE ION' 'O4 S -2'
#
# COMPACT_ATOMS: atom_id res chain seq x y z
N MSE A 33 -23.32 -45.81 -9.87
CA MSE A 33 -23.00 -44.90 -8.72
C MSE A 33 -21.55 -44.47 -8.85
O MSE A 33 -20.75 -45.25 -9.41
CB MSE A 33 -23.21 -45.60 -7.38
N PRO A 34 -21.18 -43.23 -8.36
CA PRO A 34 -19.78 -42.92 -8.44
C PRO A 34 -19.30 -43.20 -7.04
N ASN A 35 -18.00 -43.04 -6.80
CA ASN A 35 -17.39 -43.09 -5.43
C ASN A 35 -16.89 -41.79 -4.79
N LEU A 36 -16.28 -40.95 -5.62
CA LEU A 36 -15.90 -39.62 -5.20
C LEU A 36 -16.56 -38.50 -6.02
N PRO A 37 -17.90 -38.34 -5.84
CA PRO A 37 -18.59 -37.26 -6.54
C PRO A 37 -18.02 -35.88 -6.23
N GLY A 38 -17.20 -35.80 -5.16
CA GLY A 38 -16.60 -34.55 -4.77
C GLY A 38 -15.56 -34.06 -5.75
N LEU A 39 -14.89 -34.97 -6.42
CA LEU A 39 -13.91 -34.63 -7.44
C LEU A 39 -14.38 -33.51 -8.36
N TYR A 40 -15.69 -33.40 -8.47
CA TYR A 40 -16.30 -32.39 -9.33
C TYR A 40 -15.92 -30.99 -8.86
N PHE A 41 -15.95 -30.78 -7.54
CA PHE A 41 -15.62 -29.49 -6.97
C PHE A 41 -14.14 -29.17 -7.10
N LEU A 42 -13.32 -30.22 -7.00
CA LEU A 42 -11.88 -30.05 -7.11
C LEU A 42 -11.50 -29.56 -8.50
N GLN A 43 -12.18 -30.08 -9.51
CA GLN A 43 -11.92 -29.69 -10.89
C GLN A 43 -12.43 -28.29 -11.18
N ALA A 44 -13.52 -27.90 -10.51
CA ALA A 44 -14.11 -26.58 -10.66
C ALA A 44 -13.27 -25.51 -9.99
N TYR A 45 -12.51 -25.92 -8.96
CA TYR A 45 -11.69 -24.99 -8.22
C TYR A 45 -10.66 -24.32 -9.15
N PRO A 46 -10.67 -22.97 -9.21
CA PRO A 46 -9.77 -22.24 -10.12
C PRO A 46 -8.28 -22.50 -9.89
N SER A 47 -7.60 -23.00 -10.92
CA SER A 47 -6.19 -23.37 -10.84
C SER A 47 -5.28 -22.37 -10.13
N GLU A 48 -5.39 -21.09 -10.48
CA GLU A 48 -4.48 -20.07 -9.96
C GLU A 48 -4.78 -19.73 -8.50
N GLU A 49 -5.84 -20.36 -7.94
CA GLU A 49 -6.20 -20.23 -6.54
C GLU A 49 -6.13 -21.57 -5.79
N ILE A 50 -5.68 -22.63 -6.45
CA ILE A 50 -5.67 -23.98 -5.87
C ILE A 50 -4.79 -24.08 -4.60
N TRP A 51 -3.82 -23.17 -4.45
CA TRP A 51 -2.99 -23.11 -3.24
C TRP A 51 -3.79 -22.86 -1.98
N ARG A 52 -4.94 -22.21 -2.12
CA ARG A 52 -5.81 -21.91 -0.99
C ARG A 52 -6.28 -23.13 -0.20
N LEU A 53 -6.33 -24.31 -0.78
CA LEU A 53 -6.78 -25.44 0.05
C LEU A 53 -5.64 -26.11 0.80
N PHE A 54 -4.47 -25.48 0.76
CA PHE A 54 -3.30 -25.93 1.52
C PHE A 54 -2.67 -24.87 2.44
N VAL A 55 -2.64 -23.61 2.02
CA VAL A 55 -2.22 -22.50 2.88
C VAL A 55 -3.36 -22.02 3.79
N ASP A 56 -3.19 -22.07 5.10
CA ASP A 56 -4.24 -21.58 6.03
C ASP A 56 -4.61 -20.12 5.75
N GLY A 57 -5.91 -19.83 5.76
CA GLY A 57 -6.37 -18.47 5.50
C GLY A 57 -5.75 -17.39 6.41
N ARG A 58 -5.39 -17.79 7.61
CA ARG A 58 -4.80 -16.87 8.55
C ARG A 58 -3.44 -16.29 8.10
N PHE A 59 -2.77 -16.94 7.16
CA PHE A 59 -1.50 -16.43 6.64
C PHE A 59 -1.66 -15.48 5.43
N TRP A 60 -2.77 -15.61 4.69
CA TRP A 60 -2.88 -14.99 3.38
C TRP A 60 -2.58 -13.52 3.38
N SER A 61 -3.20 -12.79 4.29
CA SER A 61 -3.04 -11.31 4.37
C SER A 61 -1.61 -10.83 4.53
N LYS A 62 -0.91 -11.50 5.45
CA LYS A 62 0.38 -11.07 5.88
C LYS A 62 1.52 -11.77 5.14
N GLU A 63 1.22 -12.80 4.36
CA GLU A 63 2.29 -13.52 3.63
C GLU A 63 2.10 -13.53 2.12
N ASN A 64 1.44 -12.50 1.59
CA ASN A 64 1.10 -12.45 0.19
C ASN A 64 0.56 -13.79 -0.29
N GLY A 65 -0.47 -14.25 0.41
CA GLY A 65 -1.16 -15.49 0.07
C GLY A 65 -0.36 -16.75 0.32
N TRP A 66 0.25 -17.25 -0.75
CA TRP A 66 0.93 -18.53 -0.77
C TRP A 66 2.46 -18.39 -0.66
N ARG A 67 2.97 -17.20 -0.97
CA ARG A 67 4.42 -16.99 -1.08
C ARG A 67 5.18 -17.30 0.19
N GLY A 68 4.65 -16.91 1.34
CA GLY A 68 5.32 -17.16 2.62
C GLY A 68 5.39 -18.63 2.98
N TYR A 69 4.32 -19.35 2.70
CA TYR A 69 4.27 -20.78 2.90
C TYR A 69 5.29 -21.41 1.94
N GLU A 70 5.36 -20.90 0.72
CA GLU A 70 6.28 -21.45 -0.29
C GLU A 70 7.72 -21.28 0.07
N SER A 71 8.04 -20.11 0.57
CA SER A 71 9.41 -19.86 0.94
C SER A 71 9.89 -20.66 2.17
N ARG A 72 8.99 -20.97 3.10
CA ARG A 72 9.38 -21.79 4.25
C ARG A 72 9.67 -23.26 3.90
N GLU A 73 9.05 -23.77 2.84
CA GLU A 73 9.35 -25.15 2.44
C GLU A 73 8.98 -25.28 0.98
N PRO A 74 9.85 -24.80 0.08
CA PRO A 74 9.36 -24.68 -1.31
C PRO A 74 8.79 -25.95 -1.92
N GLY A 75 7.80 -25.80 -2.80
CA GLY A 75 7.25 -26.95 -3.53
C GLY A 75 6.37 -27.91 -2.77
N CYS A 76 6.27 -27.75 -1.44
CA CYS A 76 5.32 -28.52 -0.66
C CYS A 76 3.93 -28.23 -1.19
N LEU A 77 3.78 -27.05 -1.80
CA LEU A 77 2.53 -26.70 -2.44
C LEU A 77 2.17 -27.73 -3.48
N ASN A 78 3.10 -28.02 -4.38
CA ASN A 78 2.90 -29.13 -5.33
C ASN A 78 2.77 -30.43 -4.61
N ALA A 79 3.73 -30.72 -3.78
CA ALA A 79 3.78 -32.03 -3.17
C ALA A 79 2.46 -32.35 -2.50
N ALA A 80 1.85 -31.33 -1.89
CA ALA A 80 0.57 -31.48 -1.20
C ALA A 80 -0.58 -31.72 -2.18
N LEU A 81 -0.50 -31.03 -3.32
CA LEU A 81 -1.47 -31.16 -4.43
C LEU A 81 -1.33 -32.48 -5.14
N GLU A 82 -0.08 -32.90 -5.34
CA GLU A 82 0.24 -34.19 -5.94
C GLU A 82 -0.23 -35.33 -5.05
N SER A 83 -0.08 -35.17 -3.74
CA SER A 83 -0.55 -36.16 -2.77
C SER A 83 -2.07 -36.34 -2.83
N LEU A 84 -2.82 -35.24 -2.78
CA LEU A 84 -4.28 -35.31 -2.75
C LEU A 84 -4.78 -35.93 -4.01
N CYS A 85 -4.34 -35.39 -5.14
CA CYS A 85 -4.83 -35.81 -6.43
C CYS A 85 -4.43 -37.25 -6.76
N SER A 86 -3.21 -37.64 -6.44
CA SER A 86 -2.78 -38.99 -6.74
C SER A 86 -3.51 -39.97 -5.83
N ILE A 87 -3.79 -39.58 -4.60
CA ILE A 87 -4.56 -40.46 -3.70
C ILE A 87 -6.03 -40.57 -4.20
N ALA A 88 -6.62 -39.44 -4.57
CA ALA A 88 -8.00 -39.40 -5.02
C ALA A 88 -8.13 -40.03 -6.40
N LEU A 89 -7.01 -40.15 -7.11
CA LEU A 89 -6.99 -40.73 -8.45
C LEU A 89 -7.10 -42.25 -8.38
N GLN A 90 -6.54 -42.84 -7.34
CA GLN A 90 -6.56 -44.29 -7.18
C GLN A 90 -7.65 -44.66 -6.19
N VAL A 91 -8.79 -43.99 -6.31
CA VAL A 91 -9.94 -44.24 -5.44
C VAL A 91 -11.20 -44.19 -6.30
N GLU A 92 -11.44 -43.04 -6.91
CA GLU A 92 -12.63 -42.84 -7.73
C GLU A 92 -12.82 -43.88 -8.84
N LYS A 93 -11.76 -44.61 -9.17
CA LYS A 93 -11.83 -45.66 -10.18
C LYS A 93 -11.22 -46.99 -9.76
N SER A 94 -11.75 -47.56 -8.69
CA SER A 94 -11.30 -48.85 -8.19
C SER A 94 -12.14 -49.29 -6.99
N GLY A 95 -11.79 -50.44 -6.42
CA GLY A 95 -12.45 -50.94 -5.22
C GLY A 95 -13.86 -51.40 -5.51
N GLU A 96 -14.72 -51.33 -4.50
CA GLU A 96 -16.10 -51.78 -4.60
C GLU A 96 -17.07 -50.67 -4.26
N GLU A 97 -16.93 -50.13 -3.06
CA GLU A 97 -17.67 -48.98 -2.59
C GLU A 97 -16.58 -48.92 -1.62
N PHE A 98 -16.22 -47.74 -1.21
CA PHE A 98 -14.98 -47.57 -0.51
C PHE A 98 -15.05 -47.95 0.96
N GLU A 99 -13.98 -48.54 1.46
CA GLU A 99 -13.87 -48.77 2.88
C GLU A 99 -12.50 -48.26 3.25
N LEU A 100 -12.42 -47.51 4.34
CA LEU A 100 -11.13 -46.98 4.81
C LEU A 100 -10.23 -48.09 5.35
N SER A 101 -8.93 -47.95 5.12
CA SER A 101 -7.96 -48.92 5.60
C SER A 101 -6.66 -48.25 6.03
N VAL A 102 -6.10 -48.73 7.13
CA VAL A 102 -4.86 -48.16 7.65
C VAL A 102 -3.83 -48.02 6.52
N ASP A 103 -3.69 -49.07 5.72
CA ASP A 103 -2.72 -49.02 4.62
C ASP A 103 -2.93 -47.81 3.75
N LEU A 104 -4.16 -47.40 3.60
CA LEU A 104 -4.40 -46.23 2.80
C LEU A 104 -3.77 -45.09 3.54
N ILE A 105 -4.17 -44.97 4.79
CA ILE A 105 -3.75 -43.87 5.59
C ILE A 105 -2.26 -43.72 5.53
N LYS A 106 -1.49 -44.73 5.95
CA LYS A 106 -0.05 -44.66 5.83
C LYS A 106 0.29 -44.31 4.40
N ARG A 107 -0.39 -44.99 3.48
CA ARG A 107 -0.16 -44.77 2.07
C ARG A 107 -0.20 -43.29 1.78
N ILE A 108 -0.93 -42.57 2.60
CA ILE A 108 -0.90 -41.13 2.51
C ILE A 108 0.24 -40.31 3.06
N HIS A 109 0.55 -40.51 4.33
CA HIS A 109 1.56 -39.75 5.02
C HIS A 109 2.90 -39.94 4.35
N LYS A 110 2.98 -40.79 3.32
CA LYS A 110 4.22 -40.89 2.57
C LYS A 110 4.51 -39.60 1.83
N LYS A 111 3.73 -38.57 2.14
CA LYS A 111 3.97 -37.23 1.69
C LYS A 111 3.21 -36.34 2.67
N CYS A 112 3.93 -35.41 3.30
CA CYS A 112 5.37 -35.28 3.08
C CYS A 112 6.17 -35.16 4.35
N GLY A 113 6.97 -36.18 4.64
CA GLY A 113 7.87 -36.19 5.77
C GLY A 113 9.16 -35.96 5.06
N LYS A 114 10.24 -35.81 5.78
CA LYS A 114 11.57 -35.80 5.22
C LYS A 114 11.83 -36.86 4.15
N LYS A 115 11.64 -38.10 4.57
CA LYS A 115 11.84 -39.23 3.67
C LYS A 115 13.30 -39.50 3.37
N VAL A 116 14.17 -38.61 3.83
CA VAL A 116 15.60 -38.72 3.58
C VAL A 116 16.26 -39.50 4.71
N GLU A 117 17.48 -39.96 4.46
CA GLU A 117 18.24 -40.74 5.42
C GLU A 117 18.49 -39.93 6.71
N GLU A 118 19.11 -40.54 7.72
CA GLU A 118 19.59 -41.93 7.65
C GLU A 118 18.85 -42.89 8.58
N LEU A 119 19.30 -42.93 9.84
CA LEU A 119 18.69 -43.81 10.83
C LEU A 119 18.53 -43.06 12.15
N GLN A 120 17.94 -43.70 13.16
CA GLN A 120 17.43 -45.09 13.05
C GLN A 120 15.91 -45.12 13.00
N GLU A 121 15.32 -43.95 12.75
CA GLU A 121 13.87 -43.82 12.67
C GLU A 121 13.51 -42.53 11.90
N LYS A 122 12.60 -42.64 10.93
CA LYS A 122 11.91 -43.87 10.60
C LYS A 122 11.52 -43.91 9.13
N ASN A 123 10.91 -45.03 8.74
CA ASN A 123 10.41 -45.17 7.38
C ASN A 123 9.67 -43.91 6.91
N PRO A 124 10.26 -43.17 5.90
CA PRO A 124 9.62 -41.86 5.70
C PRO A 124 8.11 -41.83 5.44
N GLY A 125 7.43 -42.93 5.70
CA GLY A 125 6.00 -43.05 5.53
C GLY A 125 5.40 -44.08 6.49
N GLU A 126 6.17 -44.51 7.48
CA GLU A 126 5.70 -45.53 8.41
C GLU A 126 5.31 -44.91 9.74
N LEU A 127 4.89 -45.77 10.64
CA LEU A 127 4.27 -45.38 11.89
C LEU A 127 5.20 -45.22 13.09
N ARG A 128 4.87 -44.29 13.97
CA ARG A 128 5.61 -44.18 15.20
C ARG A 128 5.42 -45.48 15.98
N THR A 129 6.44 -45.88 16.73
CA THR A 129 6.30 -46.96 17.71
C THR A 129 6.38 -46.34 19.10
N ASP A 130 7.60 -46.00 19.52
CA ASP A 130 7.85 -45.37 20.82
C ASP A 130 8.24 -43.89 20.71
N GLU A 131 8.55 -43.48 19.48
CA GLU A 131 8.93 -42.11 19.18
C GLU A 131 7.92 -41.14 19.77
N PRO A 132 8.39 -40.08 20.39
CA PRO A 132 7.52 -39.14 21.06
C PRO A 132 7.34 -37.82 20.30
N VAL A 133 6.10 -37.42 20.05
CA VAL A 133 5.85 -36.18 19.37
C VAL A 133 4.93 -35.31 20.22
N SER A 134 5.24 -34.02 20.31
CA SER A 134 4.55 -33.11 21.23
C SER A 134 4.39 -31.77 20.61
N PHE A 135 3.44 -31.00 21.11
CA PHE A 135 3.19 -29.68 20.59
C PHE A 135 2.25 -29.00 21.57
N GLY A 136 2.07 -27.70 21.43
CA GLY A 136 1.31 -26.93 22.38
C GLY A 136 0.00 -26.48 21.85
N ILE A 137 -0.87 -25.99 22.72
CA ILE A 137 -2.19 -25.58 22.31
C ILE A 137 -2.65 -24.37 23.09
N PRO A 138 -2.92 -23.28 22.42
CA PRO A 138 -3.37 -22.07 23.05
C PRO A 138 -4.87 -22.11 23.21
N ALA A 139 -5.42 -21.35 24.14
CA ALA A 139 -6.82 -21.36 24.45
C ALA A 139 -7.65 -21.12 23.21
N GLY A 140 -7.16 -20.24 22.32
CA GLY A 140 -7.89 -19.92 21.10
C GLY A 140 -8.06 -21.05 20.09
N ARG A 141 -7.43 -22.19 20.37
CA ARG A 141 -7.57 -23.37 19.55
C ARG A 141 -8.24 -24.39 20.37
N ALA A 142 -8.98 -24.00 21.40
CA ALA A 142 -9.63 -24.98 22.28
C ALA A 142 -11.07 -24.63 22.66
N SER A 143 -11.80 -25.62 23.16
CA SER A 143 -13.12 -25.38 23.72
C SER A 143 -13.35 -26.21 24.95
N ILE A 144 -14.25 -25.77 25.82
CA ILE A 144 -14.57 -26.55 26.97
C ILE A 144 -15.08 -27.93 26.63
N LYS A 145 -16.00 -28.01 25.67
CA LYS A 145 -16.62 -29.28 25.27
C LYS A 145 -15.62 -30.14 24.53
N GLY A 146 -14.64 -29.45 23.94
CA GLY A 146 -13.58 -30.08 23.17
C GLY A 146 -12.62 -30.74 24.14
N ILE A 147 -12.34 -30.07 25.25
CA ILE A 147 -11.39 -30.55 26.24
C ILE A 147 -11.99 -31.75 26.93
N GLU A 148 -13.27 -31.63 27.26
CA GLU A 148 -14.07 -32.73 27.84
C GLU A 148 -13.93 -33.99 26.97
N GLU A 149 -14.22 -33.87 25.66
CA GLU A 149 -14.06 -34.97 24.70
C GLU A 149 -12.65 -35.55 24.63
N PHE A 150 -11.66 -34.67 24.61
CA PHE A 150 -10.24 -35.04 24.58
C PHE A 150 -9.86 -35.96 25.76
N LEU A 151 -10.23 -35.54 26.96
CA LEU A 151 -9.94 -36.32 28.18
C LEU A 151 -10.72 -37.64 28.18
N SER A 152 -11.78 -37.68 27.41
CA SER A 152 -12.65 -38.85 27.34
C SER A 152 -12.14 -39.90 26.38
N LEU A 153 -11.20 -39.53 25.52
CA LEU A 153 -10.60 -40.52 24.66
C LEU A 153 -9.80 -41.49 25.50
N VAL A 154 -10.27 -42.72 25.55
CA VAL A 154 -9.69 -43.72 26.41
C VAL A 154 -8.32 -44.22 25.98
N PHE A 155 -8.04 -44.18 24.68
CA PHE A 155 -6.75 -44.62 24.23
C PHE A 155 -5.65 -43.68 24.65
N LEU A 156 -6.02 -42.45 25.01
CA LEU A 156 -5.03 -41.53 25.50
C LEU A 156 -4.62 -41.95 26.91
N THR A 157 -5.56 -42.53 27.65
CA THR A 157 -5.31 -42.95 29.03
C THR A 157 -4.44 -44.18 29.01
N GLU A 158 -4.90 -45.22 28.34
CA GLU A 158 -4.16 -46.49 28.36
C GLU A 158 -2.92 -46.47 27.48
N GLY A 159 -2.84 -45.54 26.54
CA GLY A 159 -1.67 -45.40 25.70
C GLY A 159 -0.51 -44.63 26.29
N GLY A 160 -0.76 -43.95 27.42
CA GLY A 160 0.30 -43.18 28.06
C GLY A 160 0.56 -41.77 27.53
N ALA A 161 -0.44 -41.15 26.95
CA ALA A 161 -0.29 -39.79 26.44
C ALA A 161 -0.21 -38.86 27.60
N GLU A 162 0.37 -37.66 27.39
CA GLU A 162 0.46 -36.67 28.45
C GLU A 162 -0.07 -35.31 28.03
N PHE A 163 -0.78 -34.64 28.95
CA PHE A 163 -1.32 -33.30 28.67
C PHE A 163 -1.46 -32.50 29.93
N GLY A 164 -1.06 -31.24 29.88
CA GLY A 164 -1.19 -30.35 31.02
C GLY A 164 -0.39 -29.07 30.86
N PRO A 165 -0.44 -28.22 31.87
CA PRO A 165 0.35 -27.02 31.76
C PRO A 165 1.79 -27.41 32.00
N GLY A 166 2.70 -26.59 31.49
CA GLY A 166 4.10 -26.91 31.57
C GLY A 166 4.90 -25.91 30.77
N LYS A 167 5.99 -26.38 30.20
CA LYS A 167 7.03 -25.54 29.69
C LYS A 167 7.62 -26.28 28.52
N ALA A 168 8.07 -25.58 27.50
CA ALA A 168 8.51 -26.23 26.28
C ALA A 168 10.01 -26.34 26.29
N GLY A 169 10.53 -27.47 25.84
CA GLY A 169 11.95 -27.73 25.98
C GLY A 169 12.56 -28.09 24.65
N PRO A 170 13.90 -28.24 24.59
CA PRO A 170 14.38 -28.67 23.32
C PRO A 170 14.25 -30.19 23.11
N PHE A 171 13.81 -30.93 24.13
CA PHE A 171 13.72 -32.35 24.04
C PHE A 171 12.41 -32.83 24.59
N GLY A 172 11.44 -31.98 24.60
CA GLY A 172 10.11 -32.41 25.01
C GLY A 172 9.63 -31.33 25.91
N PRO A 173 8.34 -31.36 26.31
CA PRO A 173 7.94 -30.37 27.28
C PRO A 173 8.10 -30.89 28.66
N ARG A 174 8.11 -30.00 29.63
CA ARG A 174 8.21 -30.42 31.04
C ARG A 174 6.89 -30.10 31.63
N PHE A 175 6.17 -31.12 32.08
CA PHE A 175 4.82 -30.89 32.58
C PHE A 175 4.84 -30.46 34.03
N ASP A 176 3.99 -29.50 34.40
CA ASP A 176 3.73 -29.20 35.79
C ASP A 176 2.78 -30.20 36.33
N LYS A 177 1.98 -30.76 35.44
CA LYS A 177 0.95 -31.66 35.84
C LYS A 177 0.47 -32.30 34.58
N ASN A 178 0.16 -33.58 34.63
CA ASN A 178 -0.33 -34.30 33.48
C ASN A 178 -1.68 -34.80 33.87
N TYR A 179 -2.73 -34.36 33.20
CA TYR A 179 -4.09 -34.76 33.57
C TYR A 179 -4.45 -36.20 33.37
N PHE A 180 -3.73 -36.89 32.49
CA PHE A 180 -4.01 -38.29 32.23
C PHE A 180 -3.47 -39.22 33.33
N LYS A 181 -2.75 -38.66 34.30
CA LYS A 181 -2.27 -39.44 35.43
C LYS A 181 -3.31 -39.44 36.53
N ASN A 182 -3.78 -40.64 36.85
CA ASN A 182 -4.80 -40.85 37.86
C ASN A 182 -6.10 -40.09 37.55
N LEU A 183 -6.49 -40.10 36.28
CA LEU A 183 -7.67 -39.35 35.84
C LEU A 183 -8.92 -40.08 36.24
N ASN A 184 -9.72 -39.44 37.10
CA ASN A 184 -11.07 -39.88 37.39
C ASN A 184 -12.00 -39.42 36.29
N PRO A 185 -12.56 -40.33 35.49
CA PRO A 185 -13.42 -39.85 34.43
C PRO A 185 -14.73 -39.23 34.89
N GLU A 186 -15.05 -39.36 36.18
CA GLU A 186 -16.20 -38.66 36.74
C GLU A 186 -15.96 -37.18 36.81
N GLN A 187 -14.72 -36.78 37.03
CA GLN A 187 -14.33 -35.38 37.23
C GLN A 187 -14.05 -34.60 35.94
N ILE A 188 -14.15 -35.24 34.79
CA ILE A 188 -13.75 -34.58 33.54
C ILE A 188 -14.56 -33.31 33.17
N PRO A 189 -15.88 -33.22 33.48
CA PRO A 189 -16.55 -31.96 33.13
C PRO A 189 -16.04 -30.75 33.90
N ASP A 190 -15.76 -30.93 35.20
CA ASP A 190 -15.22 -29.85 36.05
C ASP A 190 -13.78 -29.53 35.66
N LEU A 191 -13.05 -30.56 35.29
CA LEU A 191 -11.64 -30.44 34.93
C LEU A 191 -11.47 -29.67 33.63
N ALA A 192 -12.34 -29.97 32.65
CA ALA A 192 -12.36 -29.27 31.38
C ALA A 192 -12.58 -27.79 31.53
N LYS A 193 -13.38 -27.38 32.50
CA LYS A 193 -13.61 -25.98 32.74
C LYS A 193 -12.36 -25.34 33.28
N GLN A 194 -11.72 -26.04 34.19
CA GLN A 194 -10.55 -25.52 34.85
C GLN A 194 -9.40 -25.36 33.89
N ILE A 195 -9.30 -26.30 32.97
CA ILE A 195 -8.21 -26.29 32.05
C ILE A 195 -8.41 -25.13 31.13
N TYR A 196 -9.63 -24.98 30.64
CA TYR A 196 -9.91 -23.87 29.72
C TYR A 196 -9.64 -22.55 30.46
N PHE A 197 -10.06 -22.47 31.71
CA PHE A 197 -9.83 -21.26 32.51
C PHE A 197 -8.35 -20.97 32.60
N ASP A 198 -7.55 -21.99 32.89
CA ASP A 198 -6.10 -21.84 32.98
C ASP A 198 -5.45 -21.38 31.68
N MSE A 199 -5.93 -21.89 30.56
CA MSE A 199 -5.35 -21.60 29.25
C MSE A 199 -5.60 -20.16 28.85
O MSE A 199 -4.79 -19.53 28.15
CB MSE A 199 -5.97 -22.53 28.22
CG MSE A 199 -5.45 -23.96 28.31
SE MSE A 199 -6.45 -25.08 27.01
CE MSE A 199 -5.33 -24.96 25.47
N CYS A 200 -6.74 -19.63 29.27
CA CYS A 200 -7.12 -18.24 29.03
C CYS A 200 -6.36 -17.26 29.93
N LYS A 201 -6.17 -17.66 31.17
CA LYS A 201 -5.43 -16.81 32.07
C LYS A 201 -4.07 -16.53 31.43
N TYR A 202 -3.51 -17.55 30.75
CA TYR A 202 -2.18 -17.41 30.10
C TYR A 202 -2.28 -16.56 28.85
N GLY A 203 -3.46 -16.51 28.25
CA GLY A 203 -3.63 -15.67 27.07
C GLY A 203 -4.21 -16.39 25.86
N HIS A 204 -5.12 -15.71 25.16
CA HIS A 204 -5.88 -16.36 24.10
C HIS A 204 -4.98 -17.02 23.06
N SER A 205 -3.91 -16.32 22.70
CA SER A 205 -3.01 -16.80 21.68
C SER A 205 -1.67 -17.27 22.25
N ASN A 206 -1.62 -17.47 23.56
CA ASN A 206 -0.40 -17.91 24.23
C ASN A 206 -0.43 -19.40 24.65
N THR A 207 0.70 -20.04 24.40
CA THR A 207 0.86 -21.45 24.63
C THR A 207 1.41 -21.69 26.01
N ASN A 208 0.57 -22.28 26.80
CA ASN A 208 0.84 -22.60 28.22
C ASN A 208 0.87 -24.11 28.40
N HIS A 209 -0.15 -24.86 27.90
CA HIS A 209 -0.21 -26.31 28.03
C HIS A 209 0.49 -26.97 26.87
N PHE A 210 0.53 -28.30 26.89
CA PHE A 210 1.30 -29.08 25.94
C PHE A 210 0.79 -30.46 25.93
N TYR A 211 0.99 -31.13 24.81
CA TYR A 211 0.42 -32.44 24.61
C TYR A 211 1.51 -33.27 24.06
N LEU A 212 1.69 -34.42 24.66
CA LEU A 212 2.68 -35.38 24.22
C LEU A 212 1.89 -36.60 23.92
N ALA A 213 2.02 -37.02 22.68
CA ALA A 213 1.20 -38.09 22.16
C ALA A 213 1.59 -39.47 22.70
N VAL A 214 0.71 -40.41 22.37
CA VAL A 214 0.76 -41.78 22.79
C VAL A 214 2.04 -42.47 22.31
N MSE A 215 2.63 -43.28 23.19
CA MSE A 215 3.88 -44.00 22.89
C MSE A 215 3.74 -45.53 22.92
O MSE A 215 4.73 -46.24 22.71
CB MSE A 215 4.93 -43.47 23.85
CG MSE A 215 5.35 -42.07 23.39
SE MSE A 215 6.75 -41.19 24.52
CE MSE A 215 5.57 -40.58 25.96
N LYS A 216 2.53 -46.02 23.15
CA LYS A 216 2.18 -47.44 23.09
C LYS A 216 1.04 -47.67 22.10
N ASN A 217 1.06 -48.82 21.43
CA ASN A 217 -0.06 -49.32 20.60
C ASN A 217 -0.69 -48.39 19.54
N VAL A 218 0.10 -47.60 18.83
CA VAL A 218 -0.46 -46.65 17.86
C VAL A 218 -1.10 -47.44 16.72
N ASP A 219 -0.44 -48.51 16.28
CA ASP A 219 -0.99 -49.39 15.22
C ASP A 219 -2.35 -49.99 15.58
N VAL A 220 -2.52 -50.34 16.85
CA VAL A 220 -3.76 -50.91 17.37
C VAL A 220 -4.87 -49.86 17.34
N TYR A 221 -4.58 -48.67 17.87
CA TYR A 221 -5.57 -47.61 17.96
C TYR A 221 -5.93 -47.10 16.58
N LEU A 222 -4.95 -47.07 15.69
CA LEU A 222 -5.18 -46.63 14.31
C LEU A 222 -6.17 -47.55 13.61
N GLU A 223 -6.00 -48.85 13.83
CA GLU A 223 -6.95 -49.84 13.32
C GLU A 223 -8.33 -49.73 13.99
N LYS A 224 -8.37 -49.50 15.30
CA LYS A 224 -9.65 -49.32 16.05
C LYS A 224 -10.47 -48.18 15.53
N ILE A 225 -9.84 -47.02 15.36
CA ILE A 225 -10.49 -45.84 14.78
C ILE A 225 -11.00 -46.11 13.36
N THR A 226 -10.21 -46.83 12.55
CA THR A 226 -10.60 -47.16 11.18
C THR A 226 -11.85 -48.03 11.11
N GLN A 227 -11.89 -49.01 12.00
CA GLN A 227 -13.01 -49.92 12.07
C GLN A 227 -14.27 -49.19 12.54
N SER A 228 -14.10 -48.39 13.59
CA SER A 228 -15.16 -47.53 14.13
C SER A 228 -15.77 -46.67 13.04
N TYR A 229 -14.90 -46.03 12.25
CA TYR A 229 -15.35 -45.18 11.16
C TYR A 229 -16.21 -45.93 10.17
N ASN A 230 -15.67 -47.00 9.62
CA ASN A 230 -16.37 -47.77 8.59
C ASN A 230 -17.68 -48.38 9.08
N LYS A 231 -17.75 -48.67 10.38
CA LYS A 231 -18.98 -49.13 11.02
C LYS A 231 -20.01 -48.00 11.06
N GLU A 232 -19.64 -46.88 11.67
CA GLU A 232 -20.57 -45.77 11.94
C GLU A 232 -21.03 -45.03 10.67
N ILE A 233 -20.13 -44.84 9.70
CA ILE A 233 -20.45 -44.11 8.45
C ILE A 233 -21.61 -44.76 7.69
N LYS A 234 -21.68 -46.09 7.76
CA LYS A 234 -22.74 -46.85 7.10
C LYS A 234 -24.11 -46.73 7.74
N THR A 235 -24.15 -46.43 9.04
CA THR A 235 -25.39 -46.14 9.77
C THR A 235 -26.01 -44.76 9.46
N ALA A 236 -25.14 -43.76 9.29
CA ALA A 236 -25.58 -42.39 9.06
C ALA A 236 -26.30 -42.29 7.73
N GLU A 237 -27.46 -41.66 7.72
CA GLU A 237 -28.22 -41.52 6.46
C GLU A 237 -28.11 -40.13 5.85
N THR A 238 -28.35 -39.08 6.63
CA THR A 238 -28.28 -37.70 6.12
C THR A 238 -26.84 -37.24 6.04
N LEU A 239 -26.63 -36.12 5.35
CA LEU A 239 -25.29 -35.58 5.17
C LEU A 239 -24.74 -34.97 6.47
N ASP A 240 -25.63 -34.44 7.30
CA ASP A 240 -25.20 -33.88 8.58
C ASP A 240 -24.76 -35.00 9.55
N GLU A 241 -25.48 -36.11 9.54
CA GLU A 241 -25.07 -37.31 10.30
C GLU A 241 -23.69 -37.82 9.85
N LYS A 242 -23.53 -37.89 8.54
CA LYS A 242 -22.27 -38.32 7.94
C LYS A 242 -21.10 -37.39 8.27
N LEU A 243 -21.29 -36.08 8.13
CA LEU A 243 -20.31 -35.09 8.59
C LEU A 243 -19.87 -35.32 10.00
N LYS A 244 -20.84 -35.52 10.90
CA LYS A 244 -20.53 -35.71 12.30
C LYS A 244 -19.55 -36.88 12.44
N ILE A 245 -19.83 -37.96 11.71
CA ILE A 245 -19.01 -39.17 11.79
C ILE A 245 -17.63 -38.93 11.21
N ILE A 246 -17.56 -38.28 10.06
CA ILE A 246 -16.27 -37.95 9.46
C ILE A 246 -15.37 -37.09 10.36
N VAL A 247 -15.89 -35.97 10.87
CA VAL A 247 -15.04 -35.07 11.68
C VAL A 247 -14.67 -35.72 13.01
N LYS A 248 -15.57 -36.49 13.59
CA LYS A 248 -15.31 -37.17 14.85
C LYS A 248 -14.16 -38.14 14.70
N HIS A 249 -14.09 -38.82 13.57
CA HIS A 249 -13.03 -39.79 13.34
C HIS A 249 -11.73 -39.17 12.89
N ILE A 250 -11.78 -38.14 12.05
CA ILE A 250 -10.58 -37.41 11.63
C ILE A 250 -9.92 -36.80 12.86
N ARG A 251 -10.72 -36.34 13.78
CA ARG A 251 -10.15 -35.84 15.01
C ARG A 251 -9.35 -36.94 15.67
N MSE A 252 -10.00 -38.03 15.95
CA MSE A 252 -9.36 -39.09 16.69
C MSE A 252 -8.08 -39.47 16.08
O MSE A 252 -7.17 -39.91 16.77
CB MSE A 252 -10.25 -40.31 16.67
CG MSE A 252 -11.59 -40.02 17.32
SE MSE A 252 -12.26 -41.73 18.04
CE MSE A 252 -14.13 -41.34 17.60
N TYR A 253 -7.99 -39.32 14.78
CA TYR A 253 -6.75 -39.66 14.11
C TYR A 253 -5.68 -38.67 14.46
N GLU A 254 -6.01 -37.41 14.22
CA GLU A 254 -5.09 -36.35 14.48
C GLU A 254 -4.61 -36.44 15.92
N VAL A 255 -5.52 -36.43 16.87
CA VAL A 255 -5.15 -36.55 18.27
C VAL A 255 -4.25 -37.75 18.44
N LEU A 256 -4.54 -38.81 17.69
CA LEU A 256 -3.76 -40.02 17.83
C LEU A 256 -2.36 -39.76 17.43
N HIS A 257 -2.21 -39.02 16.35
CA HIS A 257 -0.89 -38.59 15.98
C HIS A 257 -0.03 -39.82 15.73
N PRO A 258 -0.26 -40.51 14.58
CA PRO A 258 0.48 -41.77 14.46
C PRO A 258 1.84 -41.60 13.81
N PHE A 259 2.08 -40.46 13.16
CA PHE A 259 3.37 -40.26 12.53
C PHE A 259 4.30 -39.34 13.31
N ARG A 260 5.58 -39.42 12.94
CA ARG A 260 6.62 -38.57 13.52
C ARG A 260 6.43 -37.10 13.15
N ASP A 261 5.91 -36.86 11.94
CA ASP A 261 5.71 -35.51 11.39
C ASP A 261 4.46 -35.43 10.52
N ALA A 262 4.04 -34.20 10.19
CA ALA A 262 2.93 -33.87 9.22
C ALA A 262 1.63 -34.64 9.43
N ASN A 263 1.21 -34.73 10.69
CA ASN A 263 -0.08 -35.31 11.03
C ASN A 263 -1.24 -34.44 10.55
N GLY A 264 -1.07 -33.11 10.62
CA GLY A 264 -2.10 -32.16 10.17
C GLY A 264 -2.43 -32.21 8.68
N ARG A 265 -1.42 -32.08 7.83
CA ARG A 265 -1.63 -32.23 6.39
C ARG A 265 -2.13 -33.63 6.02
N THR A 266 -1.42 -34.64 6.51
CA THR A 266 -1.73 -36.04 6.24
C THR A 266 -3.19 -36.34 6.50
N PHE A 267 -3.81 -35.75 7.52
CA PHE A 267 -5.24 -36.02 7.79
C PHE A 267 -6.19 -34.91 7.35
N VAL A 268 -5.98 -33.71 7.87
CA VAL A 268 -6.99 -32.66 7.67
C VAL A 268 -6.87 -32.01 6.26
N ASN A 269 -5.66 -31.81 5.74
CA ASN A 269 -5.54 -31.27 4.39
C ASN A 269 -5.66 -32.33 3.30
N ASN A 270 -5.51 -33.60 3.67
CA ASN A 270 -5.60 -34.68 2.69
C ASN A 270 -6.73 -35.60 3.04
N LEU A 271 -6.54 -36.47 4.04
CA LEU A 271 -7.55 -37.48 4.35
C LEU A 271 -8.94 -36.89 4.51
N LEU A 272 -9.12 -35.86 5.32
CA LEU A 272 -10.45 -35.26 5.49
C LEU A 272 -11.19 -35.01 4.18
N ASN A 273 -10.47 -34.56 3.17
CA ASN A 273 -11.07 -34.27 1.89
C ASN A 273 -11.59 -35.49 1.13
N ILE A 274 -11.11 -36.68 1.44
CA ILE A 274 -11.58 -37.86 0.75
C ILE A 274 -13.00 -38.20 1.18
N PRO A 275 -13.28 -38.40 2.49
CA PRO A 275 -14.69 -38.62 2.85
C PRO A 275 -15.61 -37.49 2.47
N LEU A 276 -15.06 -36.28 2.45
CA LEU A 276 -15.87 -35.15 2.05
C LEU A 276 -16.30 -35.33 0.59
N MSE A 277 -15.36 -35.65 -0.28
CA MSE A 277 -15.67 -35.82 -1.71
C MSE A 277 -16.40 -37.11 -2.01
O MSE A 277 -17.12 -37.21 -3.01
CB MSE A 277 -14.40 -35.75 -2.53
CG MSE A 277 -13.97 -34.31 -2.69
SE MSE A 277 -12.18 -34.34 -3.44
CE MSE A 277 -12.27 -32.46 -3.91
N GLN A 278 -16.23 -38.10 -1.13
CA GLN A 278 -17.01 -39.34 -1.18
C GLN A 278 -18.49 -39.06 -0.96
N GLN A 279 -18.81 -38.08 -0.12
CA GLN A 279 -20.19 -37.65 0.10
C GLN A 279 -20.67 -36.62 -0.91
N GLY A 280 -19.82 -36.26 -1.86
CA GLY A 280 -20.17 -35.31 -2.90
C GLY A 280 -20.09 -33.86 -2.45
N LEU A 281 -19.29 -33.61 -1.41
CA LEU A 281 -19.01 -32.27 -0.92
C LEU A 281 -17.68 -31.76 -1.45
N PRO A 282 -17.52 -30.44 -1.49
CA PRO A 282 -16.24 -29.88 -1.93
C PRO A 282 -15.13 -30.10 -0.90
N PRO A 283 -13.86 -30.04 -1.33
CA PRO A 283 -12.82 -30.10 -0.30
C PRO A 283 -12.84 -28.83 0.55
N ALA A 284 -12.13 -28.81 1.66
CA ALA A 284 -12.24 -27.70 2.62
C ALA A 284 -11.10 -26.67 2.44
N THR A 285 -11.46 -25.40 2.34
CA THR A 285 -10.52 -24.27 2.33
C THR A 285 -10.63 -23.63 3.72
N PHE A 286 -9.64 -23.88 4.58
CA PHE A 286 -9.69 -23.51 5.99
C PHE A 286 -9.00 -22.18 6.25
N TYR A 287 -9.53 -21.44 7.22
CA TYR A 287 -8.83 -20.30 7.79
C TYR A 287 -7.80 -20.84 8.73
N GLU A 288 -8.25 -21.62 9.70
CA GLU A 288 -7.36 -22.18 10.75
C GLU A 288 -7.76 -23.64 11.02
N PRO A 289 -7.02 -24.59 10.39
CA PRO A 289 -7.35 -26.00 10.45
C PRO A 289 -6.96 -26.65 11.73
N ASN A 290 -6.05 -26.00 12.47
CA ASN A 290 -5.42 -26.63 13.65
C ASN A 290 -6.27 -26.62 14.90
N VAL A 291 -7.52 -27.05 14.76
CA VAL A 291 -8.43 -27.16 15.89
C VAL A 291 -8.97 -28.57 16.03
N PHE A 292 -8.37 -29.50 15.29
CA PHE A 292 -8.75 -30.91 15.40
C PHE A 292 -8.16 -31.67 16.58
N ASP A 293 -7.76 -30.97 17.64
CA ASP A 293 -7.25 -31.60 18.85
C ASP A 293 -8.21 -31.30 19.98
N LEU A 294 -8.37 -30.02 20.35
CA LEU A 294 -9.17 -29.62 21.54
C LEU A 294 -10.54 -28.95 21.26
N TYR A 295 -11.04 -29.06 20.03
CA TYR A 295 -12.44 -28.72 19.74
C TYR A 295 -13.23 -30.01 19.80
N SER A 296 -14.54 -29.91 20.04
CA SER A 296 -15.41 -31.09 20.06
C SER A 296 -15.88 -31.43 18.65
N ALA A 297 -16.29 -32.67 18.43
CA ALA A 297 -16.75 -33.11 17.11
C ALA A 297 -17.86 -32.22 16.58
N GLU A 298 -18.84 -31.90 17.41
CA GLU A 298 -19.96 -31.04 17.03
C GLU A 298 -19.44 -29.69 16.54
N GLU A 299 -18.53 -29.10 17.28
CA GLU A 299 -18.01 -27.78 16.94
C GLU A 299 -17.11 -27.85 15.69
N LEU A 300 -16.51 -29.01 15.46
CA LEU A 300 -15.71 -29.23 14.27
C LEU A 300 -16.53 -29.35 12.97
N VAL A 301 -17.76 -29.82 13.13
CA VAL A 301 -18.68 -29.90 12.00
C VAL A 301 -18.85 -28.49 11.49
N VAL A 302 -19.04 -27.53 12.42
CA VAL A 302 -19.23 -26.16 12.02
C VAL A 302 -17.98 -25.63 11.36
N VAL A 303 -16.83 -25.96 11.92
CA VAL A 303 -15.56 -25.50 11.39
C VAL A 303 -15.41 -25.98 9.96
N VAL A 304 -15.71 -27.25 9.74
CA VAL A 304 -15.60 -27.84 8.39
C VAL A 304 -16.62 -27.24 7.39
N LYS A 305 -17.87 -27.07 7.83
CA LYS A 305 -18.90 -26.44 6.99
C LYS A 305 -18.54 -25.05 6.49
N GLU A 306 -18.09 -24.15 7.37
CA GLU A 306 -17.63 -22.81 6.96
C GLU A 306 -16.37 -22.87 6.12
N ALA A 307 -15.57 -23.92 6.33
CA ALA A 307 -14.41 -24.14 5.49
C ALA A 307 -14.92 -24.47 4.14
N ILE A 308 -15.80 -25.46 4.07
CA ILE A 308 -16.43 -25.86 2.80
C ILE A 308 -17.03 -24.62 2.12
N PHE A 309 -17.92 -23.94 2.80
CA PHE A 309 -18.49 -22.72 2.31
C PHE A 309 -17.46 -21.84 1.61
N ASN A 310 -16.21 -21.85 2.10
CA ASN A 310 -15.13 -21.02 1.52
C ASN A 310 -14.72 -21.46 0.05
N THR A 311 -14.48 -22.77 -0.32
CA THR A 311 -14.39 -23.42 -1.67
C THR A 311 -15.54 -23.05 -2.60
N VAL A 312 -16.74 -22.95 -2.05
CA VAL A 312 -17.92 -22.56 -2.83
C VAL A 312 -17.84 -21.10 -3.23
N GLU A 313 -17.38 -20.24 -2.36
CA GLU A 313 -17.35 -18.82 -2.69
C GLU A 313 -16.14 -18.46 -3.49
N ILE A 314 -15.07 -19.21 -3.29
CA ILE A 314 -13.93 -19.10 -4.18
C ILE A 314 -14.38 -19.41 -5.64
N ILE A 315 -15.07 -20.54 -5.84
CA ILE A 315 -15.46 -20.98 -7.16
C ILE A 315 -16.46 -19.98 -7.78
N GLU A 316 -17.48 -19.60 -7.02
CA GLU A 316 -18.48 -18.65 -7.46
C GLU A 316 -17.87 -17.31 -7.88
N GLN A 317 -16.99 -16.75 -7.06
CA GLN A 317 -16.37 -15.46 -7.37
C GLN A 317 -15.56 -15.54 -8.65
N SER A 318 -14.82 -16.63 -8.82
CA SER A 318 -14.00 -16.83 -10.03
C SER A 318 -14.87 -17.02 -11.27
N LYS A 319 -15.94 -17.81 -11.13
CA LYS A 319 -16.96 -17.96 -12.17
C LYS A 319 -17.60 -16.65 -12.59
N ARG A 320 -17.93 -15.81 -11.62
CA ARG A 320 -18.50 -14.48 -11.90
C ARG A 320 -17.42 -13.45 -12.26
N LYS A 321 -16.17 -13.90 -12.51
CA LYS A 321 -14.99 -13.03 -12.77
C LYS A 321 -14.74 -11.93 -11.73
N THR A 322 -15.33 -12.12 -10.55
CA THR A 322 -15.20 -11.23 -9.39
C THR A 322 -13.82 -11.41 -8.76
N PRO A 323 -13.14 -10.29 -8.40
CA PRO A 323 -11.85 -10.44 -7.72
C PRO A 323 -11.99 -11.02 -6.34
N ILE A 324 -11.21 -12.05 -6.05
CA ILE A 324 -11.27 -12.74 -4.76
C ILE A 324 -10.56 -11.94 -3.64
N THR A 325 -11.33 -11.70 -2.59
CA THR A 325 -10.93 -10.75 -1.54
C THR A 325 -10.93 -11.34 -0.09
N LEU A 326 -11.15 -12.66 0.03
CA LEU A 326 -11.37 -13.37 1.30
C LEU A 326 -10.21 -13.24 2.23
N TYR A 327 -10.55 -13.02 3.49
CA TYR A 327 -9.59 -12.97 4.59
C TYR A 327 -8.65 -11.78 4.46
N GLY A 328 -9.13 -10.69 3.84
CA GLY A 328 -8.33 -9.47 3.74
C GLY A 328 -7.16 -9.55 2.78
N TYR A 329 -7.10 -10.58 1.93
CA TYR A 329 -6.05 -10.66 0.91
C TYR A 329 -6.50 -10.48 -0.55
N HIS A 330 -5.86 -9.53 -1.24
CA HIS A 330 -6.07 -9.26 -2.67
C HIS A 330 -4.88 -9.71 -3.49
N SER A 331 -5.01 -10.80 -4.24
CA SER A 331 -3.89 -11.28 -5.05
C SER A 331 -3.59 -10.33 -6.22
N SER A 332 -2.30 -9.99 -6.37
CA SER A 332 -1.83 -9.18 -7.51
C SER A 332 -1.65 -10.09 -8.72
N LEU A 333 -1.72 -9.51 -9.91
CA LEU A 333 -1.56 -10.28 -11.15
C LEU A 333 -0.19 -10.94 -11.26
N GLU A 334 0.81 -10.30 -10.65
CA GLU A 334 2.15 -10.85 -10.61
C GLU A 334 2.22 -12.10 -9.71
N GLU A 335 1.49 -12.07 -8.60
CA GLU A 335 1.44 -13.23 -7.69
C GLU A 335 0.75 -14.43 -8.36
N GLN A 336 -0.29 -14.16 -9.15
CA GLN A 336 -1.01 -15.20 -9.90
C GLN A 336 -0.14 -15.85 -10.98
N THR A 337 0.55 -15.02 -11.77
CA THR A 337 1.41 -15.54 -12.84
C THR A 337 2.64 -16.28 -12.26
N LYS A 338 3.16 -15.82 -11.13
CA LYS A 338 4.21 -16.55 -10.41
C LYS A 338 3.75 -17.94 -9.95
N PHE A 339 2.51 -18.04 -9.48
CA PHE A 339 1.96 -19.34 -9.03
C PHE A 339 1.66 -20.43 -10.08
N ARG A 340 1.01 -20.06 -11.20
CA ARG A 340 0.75 -20.98 -12.33
C ARG A 340 2.03 -21.41 -13.07
N ASP A 341 3.03 -20.55 -13.05
CA ASP A 341 4.33 -20.89 -13.63
C ASP A 341 4.97 -21.87 -12.67
N MSE A 342 4.67 -21.73 -11.38
CA MSE A 342 5.23 -22.59 -10.35
C MSE A 342 4.46 -23.88 -10.23
O MSE A 342 5.04 -24.91 -9.87
CB MSE A 342 5.22 -21.80 -9.06
CG MSE A 342 6.16 -22.38 -8.01
SE MSE A 342 5.17 -22.35 -6.29
CE MSE A 342 4.06 -23.96 -6.67
N LEU A 343 3.17 -23.84 -10.51
CA LEU A 343 2.28 -25.02 -10.49
C LEU A 343 2.84 -26.17 -11.35
N ASP A 344 2.90 -27.38 -10.75
CA ASP A 344 3.52 -28.55 -11.39
C ASP A 344 3.13 -29.87 -10.68
N SER A 345 2.09 -30.53 -11.22
CA SER A 345 1.48 -31.71 -10.59
C SER A 345 0.68 -32.53 -11.61
N PRO A 346 1.27 -33.67 -12.08
CA PRO A 346 0.64 -34.52 -13.09
C PRO A 346 -0.75 -34.99 -12.72
N SER A 347 -0.93 -35.45 -11.49
CA SER A 347 -2.22 -35.96 -11.03
C SER A 347 -3.27 -34.86 -10.93
N TYR A 348 -2.86 -33.61 -10.68
CA TYR A 348 -3.81 -32.51 -10.73
C TYR A 348 -4.27 -32.27 -12.15
N GLU A 349 -3.34 -32.35 -13.10
CA GLU A 349 -3.68 -32.11 -14.51
C GLU A 349 -4.69 -33.13 -15.00
N LYS A 350 -4.54 -34.38 -14.57
CA LYS A 350 -5.47 -35.43 -14.93
C LYS A 350 -6.89 -35.15 -14.44
N ILE A 351 -7.00 -34.63 -13.21
CA ILE A 351 -8.32 -34.33 -12.62
C ILE A 351 -8.94 -33.07 -13.25
N LYS A 352 -8.11 -32.10 -13.63
CA LYS A 352 -8.61 -30.84 -14.23
C LYS A 352 -9.21 -31.10 -15.62
N HIS A 353 -8.66 -32.12 -16.29
CA HIS A 353 -8.94 -32.39 -17.67
C HIS A 353 -9.45 -33.79 -17.65
N MSE A 354 -10.74 -33.92 -17.31
CA MSE A 354 -11.36 -35.22 -17.24
C MSE A 354 -12.75 -35.13 -17.76
O MSE A 354 -13.23 -34.05 -18.10
CB MSE A 354 -11.35 -35.68 -15.79
CG MSE A 354 -10.45 -36.90 -15.59
SE MSE A 354 -10.10 -37.06 -13.66
CE MSE A 354 -11.38 -38.50 -13.29
N ASP A 355 -13.40 -36.29 -17.86
CA ASP A 355 -14.79 -36.35 -18.33
C ASP A 355 -15.77 -36.24 -17.16
N PHE A 356 -16.98 -35.82 -17.47
CA PHE A 356 -18.03 -35.65 -16.48
C PHE A 356 -19.03 -36.80 -16.56
N SER A 357 -18.71 -37.88 -15.86
CA SER A 357 -19.56 -39.04 -15.80
C SER A 357 -20.96 -38.66 -15.38
N ASP A 358 -21.10 -37.91 -14.30
CA ASP A 358 -22.42 -37.49 -13.83
C ASP A 358 -23.22 -38.67 -13.23
N LEU A 359 -24.54 -38.57 -13.08
CA LEU A 359 -25.28 -37.40 -13.44
C LEU A 359 -25.13 -36.55 -12.17
N ASN A 360 -25.83 -35.41 -12.13
CA ASN A 360 -25.92 -34.55 -10.97
C ASN A 360 -24.79 -33.57 -10.61
N PRO A 361 -24.07 -33.00 -11.63
CA PRO A 361 -23.12 -31.99 -11.25
C PRO A 361 -23.84 -30.75 -10.81
N GLU A 362 -25.16 -30.88 -10.66
CA GLU A 362 -26.00 -29.78 -10.22
C GLU A 362 -26.82 -30.10 -8.99
N LYS A 363 -26.81 -31.38 -8.59
CA LYS A 363 -27.50 -31.79 -7.39
C LYS A 363 -26.35 -31.78 -6.44
N LEU A 364 -25.24 -32.31 -6.90
CA LEU A 364 -24.05 -32.18 -6.14
C LEU A 364 -24.01 -30.76 -5.55
N HIS A 365 -24.26 -29.76 -6.38
CA HIS A 365 -24.23 -28.36 -5.97
C HIS A 365 -25.39 -27.96 -5.06
N LEU A 366 -26.57 -28.47 -5.32
CA LEU A 366 -27.73 -28.13 -4.49
C LEU A 366 -27.71 -28.86 -3.16
N LYS A 367 -27.07 -30.03 -3.14
CA LYS A 367 -26.91 -30.82 -1.91
C LYS A 367 -26.02 -30.09 -0.91
N THR A 368 -24.89 -29.57 -1.37
CA THR A 368 -23.96 -28.87 -0.48
C THR A 368 -24.54 -27.50 -0.11
N GLN A 369 -25.32 -26.90 -0.98
CA GLN A 369 -25.98 -25.65 -0.64
C GLN A 369 -26.97 -25.83 0.52
N LYS A 370 -27.75 -26.90 0.54
CA LYS A 370 -28.67 -27.11 1.64
C LYS A 370 -27.89 -27.45 2.90
N CYS A 371 -26.86 -28.25 2.76
CA CYS A 371 -25.99 -28.61 3.91
C CYS A 371 -25.33 -27.38 4.57
N LEU A 372 -24.97 -26.38 3.76
CA LEU A 372 -24.28 -25.22 4.29
C LEU A 372 -25.21 -24.15 4.75
N SER A 373 -26.50 -24.31 4.48
CA SER A 373 -27.47 -23.30 4.90
C SER A 373 -27.61 -23.16 6.42
N SER A 374 -27.05 -24.09 7.19
CA SER A 374 -27.15 -24.03 8.64
C SER A 374 -26.26 -22.91 9.16
N LEU A 375 -25.24 -22.53 8.36
CA LEU A 375 -24.28 -21.50 8.70
C LEU A 375 -24.93 -20.17 8.92
N ASN A 376 -25.54 -19.66 7.86
CA ASN A 376 -26.23 -18.36 7.83
C ASN A 376 -26.86 -18.00 9.19
N GLU A 377 -27.38 -19.04 9.83
CA GLU A 377 -28.21 -18.93 11.04
C GLU A 377 -27.54 -18.24 12.23
N GLN A 378 -26.34 -18.67 12.59
CA GLN A 378 -25.72 -18.22 13.85
C GLN A 378 -24.62 -17.18 13.74
N TYR A 379 -24.72 -16.15 14.60
CA TYR A 379 -23.86 -14.94 14.53
C TYR A 379 -23.70 -14.42 13.11
N PRO A 380 -24.77 -13.83 12.54
CA PRO A 380 -24.65 -13.50 11.13
C PRO A 380 -23.90 -12.19 10.92
N LEU A 381 -23.88 -11.35 11.95
CA LEU A 381 -23.23 -10.08 11.82
C LEU A 381 -21.74 -10.21 11.62
N HIS A 382 -21.17 -11.27 12.16
CA HIS A 382 -19.77 -11.53 12.04
C HIS A 382 -19.50 -12.13 10.69
N ARG A 383 -20.35 -13.08 10.28
CA ARG A 383 -20.16 -13.72 8.97
C ARG A 383 -20.34 -12.70 7.86
N GLY A 384 -21.24 -11.76 8.09
CA GLY A 384 -21.42 -10.66 7.18
C GLY A 384 -20.16 -9.85 7.00
N ALA A 385 -19.52 -9.51 8.10
CA ALA A 385 -18.29 -8.76 8.04
C ALA A 385 -17.22 -9.49 7.25
N ILE A 386 -17.29 -10.81 7.22
CA ILE A 386 -16.27 -11.59 6.53
C ILE A 386 -16.61 -11.73 5.04
N TYR A 387 -17.87 -12.02 4.74
CA TYR A 387 -18.28 -12.45 3.42
C TYR A 387 -19.10 -11.46 2.58
N LEU A 388 -19.86 -10.58 3.22
CA LEU A 388 -20.70 -9.59 2.52
C LEU A 388 -19.95 -8.35 2.05
N SER A 389 -20.22 -7.92 0.82
CA SER A 389 -19.57 -6.74 0.26
C SER A 389 -20.55 -5.73 -0.31
N ASP A 390 -21.79 -6.18 -0.57
CA ASP A 390 -22.84 -5.33 -1.15
C ASP A 390 -23.46 -4.39 -0.13
N PRO A 391 -23.32 -3.08 -0.33
CA PRO A 391 -23.80 -2.11 0.66
C PRO A 391 -25.28 -2.23 1.01
N GLY A 392 -26.09 -2.64 0.05
CA GLY A 392 -27.53 -2.76 0.26
C GLY A 392 -27.88 -3.91 1.16
N GLU A 393 -27.28 -5.07 0.90
CA GLU A 393 -27.44 -6.28 1.73
C GLU A 393 -26.99 -6.03 3.17
N ILE A 394 -25.88 -5.32 3.30
CA ILE A 394 -25.25 -5.04 4.58
C ILE A 394 -26.14 -4.15 5.41
N LYS A 395 -26.68 -3.10 4.78
CA LYS A 395 -27.56 -2.15 5.45
C LYS A 395 -28.81 -2.87 5.97
N LEU A 396 -29.31 -3.81 5.17
CA LEU A 396 -30.50 -4.57 5.51
C LEU A 396 -30.27 -5.49 6.70
N LEU A 397 -29.15 -6.21 6.65
CA LEU A 397 -28.70 -7.09 7.72
C LEU A 397 -28.54 -6.42 9.07
N LEU A 398 -28.10 -5.17 9.07
CA LEU A 398 -27.87 -4.42 10.32
C LEU A 398 -29.07 -3.64 10.86
N SER A 399 -30.14 -3.59 10.05
CA SER A 399 -31.41 -3.03 10.47
C SER A 399 -32.02 -3.78 11.64
N ASN A 400 -32.63 -3.02 12.55
CA ASN A 400 -33.35 -3.60 13.70
C ASN A 400 -32.46 -4.33 14.71
N ARG A 401 -31.13 -4.22 14.57
CA ARG A 401 -30.22 -4.90 15.50
C ARG A 401 -29.91 -3.97 16.64
N ASN A 402 -29.85 -4.51 17.85
CA ASN A 402 -29.59 -3.68 18.98
C ASN A 402 -28.11 -3.57 19.29
N GLU A 403 -27.84 -2.74 20.29
CA GLU A 403 -26.52 -2.46 20.76
C GLU A 403 -25.82 -3.77 21.14
N SER A 404 -26.54 -4.74 21.73
CA SER A 404 -25.87 -5.98 22.19
C SER A 404 -25.55 -6.94 21.05
N GLN A 405 -26.34 -6.91 20.00
CA GLN A 405 -26.08 -7.68 18.80
C GLN A 405 -24.96 -7.10 17.97
N ILE A 406 -24.91 -5.77 17.82
CA ILE A 406 -23.87 -5.13 16.98
C ILE A 406 -22.55 -5.18 17.68
N ASN A 407 -22.59 -5.26 19.02
CA ASN A 407 -21.37 -5.38 19.86
C ASN A 407 -21.05 -6.75 20.38
N GLN A 408 -21.73 -7.76 19.87
CA GLN A 408 -21.58 -9.12 20.36
C GLN A 408 -20.21 -9.72 20.09
N GLN A 409 -19.60 -10.24 21.14
CA GLN A 409 -18.37 -11.01 21.02
C GLN A 409 -18.70 -12.49 21.14
N ILE A 410 -18.29 -13.26 20.16
CA ILE A 410 -18.65 -14.67 20.11
C ILE A 410 -17.77 -15.47 21.06
N GLU A 411 -18.36 -16.49 21.66
CA GLU A 411 -17.69 -17.14 22.74
C GLU A 411 -17.07 -18.45 22.35
N GLN A 412 -16.38 -19.04 23.31
CA GLN A 412 -15.68 -20.31 23.11
C GLN A 412 -16.50 -21.30 22.34
N GLY A 413 -15.83 -22.16 21.58
CA GLY A 413 -16.51 -23.21 20.83
C GLY A 413 -16.89 -22.83 19.40
N ALA A 414 -17.08 -21.55 19.14
CA ALA A 414 -17.29 -21.11 17.77
C ALA A 414 -16.01 -21.32 17.00
N PRO A 415 -16.07 -21.36 15.65
CA PRO A 415 -14.79 -21.52 14.92
C PRO A 415 -13.76 -20.44 15.34
N PRO A 416 -12.48 -20.79 15.41
CA PRO A 416 -11.45 -19.94 16.00
C PRO A 416 -11.54 -18.46 15.63
N ILE A 417 -11.89 -18.20 14.39
CA ILE A 417 -11.78 -16.87 13.88
C ILE A 417 -12.75 -15.90 14.56
N TYR A 418 -13.83 -16.43 15.11
CA TYR A 418 -14.89 -15.58 15.71
C TYR A 418 -14.69 -15.26 17.21
N VAL A 419 -14.03 -16.18 17.93
CA VAL A 419 -13.99 -16.14 19.37
C VAL A 419 -13.39 -14.84 19.85
N GLY A 420 -14.17 -14.14 20.67
CA GLY A 420 -13.76 -12.89 21.28
C GLY A 420 -13.97 -11.67 20.41
N LYS A 421 -14.41 -11.83 19.17
CA LYS A 421 -14.48 -10.67 18.29
C LYS A 421 -15.88 -10.12 18.13
N THR A 422 -15.93 -8.81 17.97
CA THR A 422 -17.09 -8.07 17.52
C THR A 422 -17.17 -8.10 16.00
N PRO A 423 -18.34 -7.79 15.44
CA PRO A 423 -18.37 -7.68 13.98
C PRO A 423 -17.39 -6.64 13.49
N ALA A 424 -17.24 -5.54 14.25
CA ALA A 424 -16.26 -4.50 13.91
C ALA A 424 -14.82 -5.02 13.75
N HIS A 425 -14.33 -5.82 14.67
CA HIS A 425 -12.98 -6.35 14.55
C HIS A 425 -12.85 -7.03 13.23
N LEU A 426 -13.81 -7.91 12.91
CA LEU A 426 -13.76 -8.75 11.70
C LEU A 426 -13.90 -7.93 10.43
N ALA A 427 -14.66 -6.84 10.48
CA ALA A 427 -14.78 -5.94 9.34
C ALA A 427 -13.40 -5.35 9.00
N VAL A 428 -12.68 -4.93 10.04
CA VAL A 428 -11.38 -4.32 9.85
C VAL A 428 -10.38 -5.33 9.27
N ILE A 429 -10.35 -6.57 9.78
CA ILE A 429 -9.35 -7.57 9.30
C ILE A 429 -9.71 -8.11 7.91
N SER A 430 -10.96 -7.99 7.50
CA SER A 430 -11.35 -8.41 6.14
C SER A 430 -11.20 -7.30 5.15
N GLY A 431 -11.05 -6.07 5.63
CA GLY A 431 -11.07 -4.88 4.78
C GLY A 431 -12.46 -4.54 4.28
N ASN A 432 -13.47 -4.96 5.02
CA ASN A 432 -14.88 -4.76 4.65
C ASN A 432 -15.32 -3.34 4.99
N MSE A 433 -14.99 -2.42 4.09
CA MSE A 433 -15.33 -1.00 4.23
C MSE A 433 -16.81 -0.74 4.40
O MSE A 433 -17.23 0.07 5.24
CB MSE A 433 -14.86 -0.32 2.95
CG MSE A 433 -14.82 1.19 3.11
SE MSE A 433 -13.39 1.63 4.38
CE MSE A 433 -14.53 2.07 5.93
N ALA A 434 -17.62 -1.41 3.57
CA ALA A 434 -19.05 -1.24 3.59
C ALA A 434 -19.61 -1.63 4.95
N MSE A 435 -19.11 -2.72 5.50
CA MSE A 435 -19.61 -3.20 6.78
C MSE A 435 -19.17 -2.29 7.88
O MSE A 435 -19.96 -1.97 8.77
CB MSE A 435 -19.17 -4.65 6.96
CG MSE A 435 -19.43 -5.23 8.35
SE MSE A 435 -21.33 -5.41 8.81
CE MSE A 435 -21.85 -6.92 7.70
N LEU A 436 -17.90 -1.85 7.85
CA LEU A 436 -17.40 -0.93 8.87
C LEU A 436 -18.22 0.37 8.91
N ASP A 437 -18.54 0.89 7.72
CA ASP A 437 -19.34 2.11 7.60
C ASP A 437 -20.69 1.95 8.27
N GLU A 438 -21.34 0.82 8.01
CA GLU A 438 -22.69 0.61 8.53
C GLU A 438 -22.63 0.39 10.02
N LEU A 439 -21.54 -0.21 10.48
CA LEU A 439 -21.38 -0.46 11.91
C LEU A 439 -21.17 0.86 12.64
N ILE A 440 -20.38 1.74 12.03
CA ILE A 440 -20.17 3.07 12.59
C ILE A 440 -21.49 3.85 12.61
N ALA A 441 -22.27 3.75 11.53
CA ALA A 441 -23.62 4.32 11.46
C ALA A 441 -24.54 3.81 12.57
N LYS A 442 -24.43 2.51 12.85
CA LYS A 442 -25.22 1.92 13.91
C LYS A 442 -24.62 2.16 15.31
N LYS A 443 -23.58 2.99 15.37
CA LYS A 443 -22.89 3.40 16.60
C LYS A 443 -22.33 2.23 17.41
N ALA A 444 -21.67 1.33 16.69
CA ALA A 444 -20.98 0.18 17.28
C ALA A 444 -19.84 0.64 18.19
N ASP A 445 -19.48 -0.16 19.21
CA ASP A 445 -18.39 0.19 20.12
C ASP A 445 -17.02 -0.21 19.54
N LEU A 446 -16.24 0.79 19.13
CA LEU A 446 -14.93 0.52 18.54
C LEU A 446 -13.78 0.42 19.57
N SER A 447 -14.08 0.66 20.85
CA SER A 447 -13.09 0.59 21.91
C SER A 447 -12.93 -0.84 22.49
N LEU A 448 -13.78 -1.78 22.12
CA LEU A 448 -13.82 -3.11 22.76
C LEU A 448 -12.65 -3.89 22.27
N GLN A 449 -11.98 -4.56 23.20
CA GLN A 449 -10.87 -5.37 22.82
C GLN A 449 -11.29 -6.85 22.78
N ASP A 450 -10.80 -7.55 21.76
CA ASP A 450 -10.97 -8.97 21.67
C ASP A 450 -10.05 -9.68 22.66
N TYR A 451 -10.02 -11.01 22.66
CA TYR A 451 -9.28 -11.68 23.72
C TYR A 451 -7.77 -11.67 23.53
N ASP A 452 -7.29 -11.01 22.47
CA ASP A 452 -5.85 -10.76 22.32
C ASP A 452 -5.45 -9.41 22.85
N GLY A 453 -6.42 -8.72 23.41
CA GLY A 453 -6.22 -7.37 23.90
C GLY A 453 -6.39 -6.31 22.84
N LYS A 454 -6.65 -6.70 21.61
CA LYS A 454 -6.67 -5.74 20.49
C LYS A 454 -8.04 -5.15 20.22
N THR A 455 -8.07 -3.86 19.90
CA THR A 455 -9.28 -3.17 19.50
C THR A 455 -9.33 -3.09 17.98
N ALA A 456 -10.44 -2.61 17.41
CA ALA A 456 -10.53 -2.41 15.95
C ALA A 456 -9.38 -1.56 15.38
N LEU A 457 -8.86 -0.67 16.24
CA LEU A 457 -7.76 0.25 15.89
C LEU A 457 -6.38 -0.45 15.67
N HIS A 458 -6.07 -1.44 16.53
CA HIS A 458 -4.84 -2.25 16.46
C HIS A 458 -4.81 -3.02 15.15
N TYR A 459 -5.97 -3.57 14.79
CA TYR A 459 -6.14 -4.30 13.56
C TYR A 459 -6.04 -3.37 12.33
N ALA A 460 -6.57 -2.14 12.41
CA ALA A 460 -6.50 -1.21 11.29
C ALA A 460 -5.05 -0.83 11.02
N ALA A 461 -4.30 -0.65 12.10
CA ALA A 461 -2.88 -0.32 12.03
C ALA A 461 -2.11 -1.47 11.42
N GLU A 462 -2.35 -2.67 11.93
CA GLU A 462 -1.72 -3.89 11.40
C GLU A 462 -2.00 -4.12 9.92
N CYS A 463 -3.19 -3.75 9.47
CA CYS A 463 -3.59 -3.97 8.08
C CYS A 463 -3.09 -2.86 7.15
N GLY A 464 -2.70 -1.75 7.75
CA GLY A 464 -2.14 -0.63 7.02
C GLY A 464 -3.13 0.07 6.15
N ASN A 465 -4.41 -0.07 6.46
CA ASN A 465 -5.46 0.59 5.69
C ASN A 465 -5.67 2.00 6.21
N MSE A 466 -5.24 3.00 5.45
CA MSE A 466 -5.29 4.38 5.94
C MSE A 466 -6.73 4.82 6.11
O MSE A 466 -7.08 5.42 7.12
CB MSE A 466 -4.47 5.31 5.04
CG MSE A 466 -4.45 6.76 5.45
SE MSE A 466 -3.77 6.98 7.26
CE MSE A 466 -1.86 6.92 6.87
N GLN A 467 -7.60 4.50 5.15
CA GLN A 467 -9.00 4.86 5.24
C GLN A 467 -9.70 4.30 6.46
N ILE A 468 -9.60 3.00 6.72
CA ILE A 468 -10.40 2.42 7.80
C ILE A 468 -9.87 2.96 9.12
N MSE A 469 -8.58 3.22 9.18
CA MSE A 469 -7.94 3.81 10.34
C MSE A 469 -8.51 5.17 10.60
O MSE A 469 -8.86 5.52 11.74
CB MSE A 469 -6.45 3.88 10.05
CG MSE A 469 -5.68 4.77 11.01
SE MSE A 469 -5.05 3.66 12.49
CE MSE A 469 -3.21 4.37 12.46
N GLY A 470 -8.62 5.96 9.55
CA GLY A 470 -9.18 7.31 9.61
C GLY A 470 -10.62 7.36 10.11
N LYS A 471 -11.48 6.53 9.52
CA LYS A 471 -12.87 6.43 9.94
C LYS A 471 -12.94 6.14 11.45
N ILE A 472 -12.15 5.16 11.92
CA ILE A 472 -12.18 4.77 13.32
C ILE A 472 -11.72 5.90 14.20
N LEU A 473 -10.62 6.53 13.82
CA LEU A 473 -10.10 7.64 14.63
C LEU A 473 -11.06 8.85 14.65
N LYS A 474 -11.77 9.10 13.57
CA LYS A 474 -12.75 10.19 13.59
C LYS A 474 -13.76 9.95 14.70
N VAL A 475 -14.22 8.72 14.81
CA VAL A 475 -15.22 8.36 15.80
C VAL A 475 -14.61 8.44 17.18
N VAL A 476 -13.45 7.81 17.38
CA VAL A 476 -12.80 7.76 18.68
C VAL A 476 -12.57 9.14 19.28
N LEU A 477 -12.27 10.12 18.45
CA LEU A 477 -11.94 11.46 18.92
C LEU A 477 -13.15 12.28 19.25
N SER A 478 -14.32 11.87 18.77
CA SER A 478 -15.55 12.58 19.07
C SER A 478 -16.16 12.08 20.39
N GLN A 479 -15.47 11.13 21.04
CA GLN A 479 -15.90 10.57 22.31
C GLN A 479 -15.05 11.05 23.48
N GLU A 480 -15.71 11.05 24.64
CA GLU A 480 -15.20 11.36 25.98
C GLU A 480 -13.79 10.87 26.30
N ASP A 481 -13.55 9.61 25.95
CA ASP A 481 -12.43 8.84 26.46
C ASP A 481 -11.28 8.71 25.48
N ALA A 482 -11.29 9.55 24.45
CA ALA A 482 -10.40 9.40 23.31
C ALA A 482 -8.95 9.00 23.63
N ILE A 483 -8.30 9.70 24.56
CA ILE A 483 -6.91 9.36 24.94
C ILE A 483 -6.73 7.97 25.56
N LYS A 484 -7.67 7.56 26.42
CA LYS A 484 -7.60 6.27 27.10
C LYS A 484 -7.69 5.18 26.04
N VAL A 485 -8.60 5.38 25.09
CA VAL A 485 -8.83 4.45 24.01
C VAL A 485 -7.63 4.32 23.07
N LEU A 486 -7.01 5.42 22.71
CA LEU A 486 -5.84 5.40 21.83
C LEU A 486 -4.63 4.77 22.53
N ASN A 487 -4.59 4.87 23.85
CA ASN A 487 -3.48 4.26 24.59
C ASN A 487 -3.69 2.83 25.01
N ILE A 488 -4.74 2.16 24.51
CA ILE A 488 -5.01 0.76 24.90
C ILE A 488 -3.95 -0.23 24.42
N LYS A 489 -3.42 -1.06 25.34
CA LYS A 489 -2.37 -2.03 24.99
C LYS A 489 -2.93 -3.43 24.86
N ASP A 490 -2.40 -4.18 23.94
CA ASP A 490 -2.90 -5.51 23.77
C ASP A 490 -2.04 -6.45 24.61
N ASN A 491 -2.13 -7.75 24.35
CA ASN A 491 -1.34 -8.77 25.06
C ASN A 491 0.17 -8.71 24.88
N HIS A 492 0.65 -8.01 23.86
CA HIS A 492 2.09 -7.79 23.70
C HIS A 492 2.47 -6.44 24.31
N GLY A 493 1.55 -5.86 25.09
CA GLY A 493 1.78 -4.55 25.67
C GLY A 493 1.89 -3.41 24.66
N LYS A 494 1.50 -3.69 23.42
CA LYS A 494 1.58 -2.78 22.33
C LYS A 494 0.29 -1.97 22.15
N THR A 495 0.51 -0.72 21.76
CA THR A 495 -0.53 0.25 21.46
C THR A 495 -0.85 0.14 19.96
N ALA A 496 -1.96 0.66 19.48
CA ALA A 496 -2.26 0.54 18.03
C ALA A 496 -1.18 1.19 17.14
N PHE A 497 -0.66 2.28 17.64
CA PHE A 497 0.31 3.05 16.88
C PHE A 497 1.72 2.44 16.89
N HIS A 498 2.00 1.56 17.86
CA HIS A 498 3.17 0.70 17.82
C HIS A 498 3.12 -0.15 16.54
N TYR A 499 1.98 -0.78 16.28
CA TYR A 499 1.84 -1.61 15.09
C TYR A 499 1.90 -0.76 13.86
N ALA A 500 1.29 0.42 13.91
CA ALA A 500 1.28 1.31 12.77
C ALA A 500 2.69 1.68 12.36
N ALA A 501 3.51 2.03 13.34
CA ALA A 501 4.90 2.39 13.11
C ALA A 501 5.74 1.21 12.61
N GLU A 502 5.23 0.00 12.76
CA GLU A 502 5.94 -1.19 12.39
C GLU A 502 5.51 -1.68 11.03
N PHE A 503 4.48 -1.09 10.47
CA PHE A 503 3.92 -1.58 9.22
C PHE A 503 4.91 -1.55 8.07
N GLY A 504 5.05 -2.66 7.38
CA GLY A 504 6.01 -2.72 6.27
C GLY A 504 7.47 -3.06 6.56
N THR A 505 7.85 -3.18 7.83
CA THR A 505 9.16 -3.68 8.19
C THR A 505 8.85 -5.14 8.30
N PRO A 506 9.86 -5.99 8.33
CA PRO A 506 9.64 -7.43 8.33
C PRO A 506 9.51 -8.13 9.70
N GLU A 507 8.78 -9.24 9.74
CA GLU A 507 8.46 -9.96 10.99
C GLU A 507 9.66 -10.50 11.77
N LEU A 508 9.39 -11.03 12.97
CA LEU A 508 10.44 -11.46 13.89
C LEU A 508 10.04 -12.68 14.71
N ILE A 509 10.43 -13.87 14.26
CA ILE A 509 9.80 -15.08 14.77
C ILE A 509 10.32 -15.60 16.11
N SER A 510 9.35 -16.01 16.93
CA SER A 510 9.61 -16.65 18.23
C SER A 510 10.58 -15.89 19.08
N MSE B 33 33.38 22.83 -32.06
CA MSE B 33 32.32 23.03 -33.06
C MSE B 33 30.99 23.12 -32.35
O MSE B 33 29.97 23.38 -32.93
CB MSE B 33 32.51 21.83 -34.00
N PRO B 34 31.00 23.00 -31.03
CA PRO B 34 29.79 22.76 -30.20
C PRO B 34 28.64 23.79 -29.89
N ASN B 35 29.00 24.91 -29.28
CA ASN B 35 28.03 25.86 -28.83
C ASN B 35 26.80 25.97 -29.74
N LEU B 36 25.62 25.57 -29.28
CA LEU B 36 25.43 25.14 -27.88
C LEU B 36 25.99 23.81 -27.42
N PRO B 37 26.58 23.80 -26.17
CA PRO B 37 27.10 22.49 -25.77
C PRO B 37 26.17 21.76 -24.80
N GLY B 38 25.29 22.51 -24.15
CA GLY B 38 24.36 21.92 -23.18
C GLY B 38 23.74 20.64 -23.68
N LEU B 39 23.68 20.48 -24.99
CA LEU B 39 23.11 19.29 -25.61
C LEU B 39 23.79 18.02 -25.09
N TYR B 40 24.83 18.19 -24.29
CA TYR B 40 25.54 17.07 -23.68
C TYR B 40 24.78 16.50 -22.48
N PHE B 41 24.08 17.37 -21.76
CA PHE B 41 23.33 16.94 -20.59
C PHE B 41 21.99 16.33 -20.99
N LEU B 42 21.51 16.67 -22.18
CA LEU B 42 20.27 16.13 -22.69
C LEU B 42 20.46 14.68 -23.13
N GLN B 43 21.62 14.42 -23.72
CA GLN B 43 21.94 13.07 -24.17
C GLN B 43 22.18 12.14 -22.97
N ALA B 44 22.86 12.66 -21.95
CA ALA B 44 23.15 11.92 -20.72
C ALA B 44 21.86 11.58 -19.94
N TYR B 45 20.82 12.40 -20.11
CA TYR B 45 19.54 12.19 -19.42
C TYR B 45 18.93 10.84 -19.79
N PRO B 46 18.67 9.97 -18.77
CA PRO B 46 18.19 8.60 -19.03
C PRO B 46 16.84 8.54 -19.77
N SER B 47 16.83 7.86 -20.93
CA SER B 47 15.66 7.78 -21.81
C SER B 47 14.35 7.46 -21.10
N GLU B 48 14.35 6.47 -20.21
CA GLU B 48 13.13 6.05 -19.52
C GLU B 48 12.64 7.03 -18.42
N GLU B 49 13.43 8.09 -18.18
CA GLU B 49 13.06 9.18 -17.27
C GLU B 49 12.92 10.55 -17.96
N ILE B 50 13.02 10.57 -19.30
CA ILE B 50 13.03 11.83 -20.08
C ILE B 50 11.71 12.62 -19.94
N TRP B 51 10.62 11.95 -19.58
CA TRP B 51 9.34 12.64 -19.29
C TRP B 51 9.44 13.65 -18.12
N ARG B 52 10.39 13.43 -17.22
CA ARG B 52 10.56 14.29 -16.04
C ARG B 52 10.89 15.74 -16.35
N LEU B 53 11.42 16.05 -17.53
CA LEU B 53 11.65 17.47 -17.81
C LEU B 53 10.44 18.16 -18.44
N PHE B 54 9.31 17.44 -18.50
CA PHE B 54 8.01 17.98 -18.99
C PHE B 54 6.89 17.90 -17.95
N VAL B 55 6.82 16.82 -17.18
CA VAL B 55 5.82 16.68 -16.13
C VAL B 55 6.30 17.35 -14.84
N ASP B 56 5.55 18.32 -14.32
CA ASP B 56 5.94 19.00 -13.07
C ASP B 56 6.12 17.99 -11.92
N GLY B 57 7.21 18.14 -11.17
CA GLY B 57 7.49 17.24 -10.04
C GLY B 57 6.39 17.18 -8.99
N ARG B 58 5.57 18.22 -8.91
CA ARG B 58 4.42 18.21 -8.00
C ARG B 58 3.33 17.15 -8.34
N PHE B 59 3.28 16.69 -9.59
CA PHE B 59 2.27 15.70 -10.00
C PHE B 59 2.69 14.26 -9.76
N TRP B 60 4.01 14.02 -9.75
CA TRP B 60 4.57 12.65 -9.86
C TRP B 60 3.99 11.67 -8.86
N SER B 61 3.94 12.07 -7.58
CA SER B 61 3.42 11.20 -6.50
C SER B 61 1.98 10.74 -6.68
N LYS B 62 1.14 11.67 -7.08
CA LYS B 62 -0.31 11.48 -7.09
C LYS B 62 -0.84 11.12 -8.48
N GLU B 63 0.02 11.10 -9.49
CA GLU B 63 -0.40 10.71 -10.86
C GLU B 63 0.45 9.62 -11.52
N ASN B 64 1.03 8.75 -10.70
CA ASN B 64 1.94 7.72 -11.19
C ASN B 64 2.96 8.28 -12.19
N GLY B 65 3.62 9.35 -11.77
CA GLY B 65 4.66 10.01 -12.54
C GLY B 65 4.10 10.77 -13.73
N TRP B 66 4.15 10.11 -14.90
CA TRP B 66 3.83 10.72 -16.20
C TRP B 66 2.43 10.36 -16.69
N ARG B 67 1.88 9.25 -16.18
CA ARG B 67 0.62 8.71 -16.71
C ARG B 67 -0.56 9.68 -16.64
N GLY B 68 -0.68 10.44 -15.57
CA GLY B 68 -1.77 11.44 -15.44
C GLY B 68 -1.67 12.60 -16.42
N TYR B 69 -0.44 13.07 -16.62
CA TYR B 69 -0.15 14.10 -17.61
C TYR B 69 -0.45 13.59 -19.04
N GLU B 70 -0.06 12.35 -19.33
CA GLU B 70 -0.32 11.74 -20.64
C GLU B 70 -1.82 11.52 -20.92
N SER B 71 -2.57 11.10 -19.92
CA SER B 71 -4.00 10.84 -20.10
C SER B 71 -4.85 12.09 -20.37
N ARG B 72 -4.44 13.25 -19.85
CA ARG B 72 -5.16 14.49 -20.12
C ARG B 72 -5.01 14.98 -21.59
N GLU B 73 -3.91 14.62 -22.25
CA GLU B 73 -3.69 14.87 -23.70
C GLU B 73 -2.82 13.76 -24.30
N PRO B 74 -3.42 12.61 -24.72
CA PRO B 74 -2.56 11.55 -25.26
C PRO B 74 -1.68 12.01 -26.43
N GLY B 75 -0.42 11.58 -26.44
CA GLY B 75 0.61 12.04 -27.38
C GLY B 75 1.36 13.31 -27.03
N CYS B 76 0.96 14.00 -25.96
CA CYS B 76 1.52 15.30 -25.59
C CYS B 76 2.98 15.28 -25.06
N LEU B 77 3.41 14.11 -24.57
CA LEU B 77 4.77 13.99 -24.07
C LEU B 77 5.78 13.96 -25.22
N ASN B 78 5.53 13.07 -26.18
CA ASN B 78 6.35 12.97 -27.38
C ASN B 78 6.39 14.29 -28.17
N ALA B 79 5.26 15.00 -28.29
CA ALA B 79 5.20 16.30 -28.97
C ALA B 79 6.08 17.38 -28.31
N ALA B 80 6.11 17.38 -26.98
CA ALA B 80 6.94 18.31 -26.21
C ALA B 80 8.44 18.00 -26.37
N LEU B 81 8.74 16.70 -26.42
CA LEU B 81 10.11 16.18 -26.63
C LEU B 81 10.57 16.43 -28.06
N GLU B 82 9.67 16.19 -29.01
CA GLU B 82 9.94 16.44 -30.42
C GLU B 82 10.18 17.94 -30.68
N SER B 83 9.45 18.79 -29.97
CA SER B 83 9.60 20.25 -30.08
C SER B 83 10.97 20.69 -29.60
N LEU B 84 11.37 20.26 -28.40
CA LEU B 84 12.66 20.67 -27.82
C LEU B 84 13.82 20.19 -28.68
N CYS B 85 13.84 18.90 -29.00
CA CYS B 85 14.92 18.31 -29.76
C CYS B 85 15.00 18.81 -31.19
N SER B 86 13.85 18.94 -31.85
CA SER B 86 13.81 19.42 -33.23
C SER B 86 14.26 20.87 -33.34
N ILE B 87 13.84 21.68 -32.37
CA ILE B 87 14.21 23.09 -32.36
C ILE B 87 15.67 23.27 -31.95
N ALA B 88 16.15 22.43 -31.04
CA ALA B 88 17.53 22.50 -30.58
C ALA B 88 18.49 22.01 -31.66
N LEU B 89 17.97 21.22 -32.60
CA LEU B 89 18.78 20.68 -33.69
C LEU B 89 18.99 21.73 -34.78
N GLN B 90 18.12 22.71 -34.82
CA GLN B 90 18.22 23.79 -35.80
C GLN B 90 19.04 24.95 -35.28
N VAL B 91 19.13 25.08 -33.97
CA VAL B 91 19.89 26.16 -33.35
C VAL B 91 21.39 25.93 -33.32
N GLU B 92 21.81 24.81 -32.74
CA GLU B 92 23.23 24.56 -32.60
C GLU B 92 23.89 24.51 -33.97
N LYS B 93 23.04 24.41 -34.99
CA LYS B 93 23.57 24.08 -36.26
C LYS B 93 24.18 25.27 -37.05
N SER B 94 23.47 26.36 -37.16
CA SER B 94 23.89 27.56 -37.85
C SER B 94 24.22 28.81 -36.99
N GLY B 95 23.35 29.08 -36.02
CA GLY B 95 23.55 30.20 -35.11
C GLY B 95 24.98 30.29 -34.64
N GLU B 96 25.65 31.36 -35.01
CA GLU B 96 27.01 31.57 -34.57
C GLU B 96 27.34 33.05 -34.66
N GLU B 97 26.93 33.84 -33.69
CA GLU B 97 26.20 33.38 -32.50
C GLU B 97 24.80 32.91 -32.86
N PHE B 98 24.05 32.55 -31.83
CA PHE B 98 22.62 32.44 -31.89
C PHE B 98 21.83 33.69 -31.47
N GLU B 99 20.58 33.72 -31.89
CA GLU B 99 19.69 34.78 -31.56
C GLU B 99 18.21 34.43 -31.29
N LEU B 100 17.77 34.48 -30.03
CA LEU B 100 16.35 34.22 -29.75
C LEU B 100 15.57 35.30 -30.49
N SER B 101 14.98 34.93 -31.61
CA SER B 101 14.31 35.87 -32.46
C SER B 101 12.85 35.53 -32.28
N VAL B 102 11.94 36.42 -32.67
CA VAL B 102 10.49 36.11 -32.57
C VAL B 102 10.06 35.04 -33.58
N ASP B 103 10.92 34.73 -34.56
CA ASP B 103 10.67 33.64 -35.50
C ASP B 103 10.72 32.25 -34.85
N LEU B 104 11.76 31.99 -34.06
CA LEU B 104 11.90 30.70 -33.39
C LEU B 104 10.85 30.55 -32.30
N ILE B 105 10.53 31.65 -31.62
CA ILE B 105 9.49 31.66 -30.60
C ILE B 105 8.19 31.16 -31.22
N LYS B 106 7.83 31.72 -32.38
CA LYS B 106 6.67 31.26 -33.15
C LYS B 106 6.77 29.79 -33.59
N ARG B 107 7.95 29.37 -34.04
CA ARG B 107 8.19 27.97 -34.44
C ARG B 107 8.02 26.98 -33.26
N ILE B 108 8.54 27.36 -32.09
CA ILE B 108 8.32 26.61 -30.85
C ILE B 108 6.83 26.32 -30.70
N HIS B 109 6.04 27.38 -30.65
CA HIS B 109 4.60 27.25 -30.51
C HIS B 109 4.00 26.40 -31.62
N LYS B 110 4.42 26.67 -32.85
CA LYS B 110 3.93 25.93 -34.01
C LYS B 110 3.93 24.42 -33.75
N LYS B 111 4.71 24.00 -32.74
CA LYS B 111 4.80 22.60 -32.37
C LYS B 111 4.19 22.34 -31.00
N CYS B 112 3.24 23.19 -30.62
CA CYS B 112 2.58 23.06 -29.32
C CYS B 112 1.20 23.72 -29.33
N GLY B 113 0.31 23.23 -30.20
CA GLY B 113 -1.05 23.76 -30.26
C GLY B 113 -2.01 22.87 -31.00
N LYS B 114 -3.29 23.22 -30.98
CA LYS B 114 -4.30 22.50 -31.79
C LYS B 114 -3.74 22.19 -33.18
N PRO B 124 -1.85 27.68 -32.54
CA PRO B 124 -1.47 27.14 -33.83
C PRO B 124 -0.33 27.87 -34.51
N GLY B 125 0.65 28.39 -33.76
CA GLY B 125 1.83 29.04 -34.35
C GLY B 125 1.84 30.56 -34.44
N GLU B 126 0.66 31.17 -34.39
CA GLU B 126 0.53 32.64 -34.52
C GLU B 126 0.31 33.36 -33.18
N LEU B 127 0.50 34.68 -33.23
CA LEU B 127 0.39 35.55 -32.06
C LEU B 127 -1.06 35.98 -31.79
N ARG B 128 -1.34 36.33 -30.54
CA ARG B 128 -2.58 37.01 -30.17
C ARG B 128 -2.58 38.44 -30.70
N THR B 129 -3.76 38.94 -31.03
CA THR B 129 -3.93 40.35 -31.34
C THR B 129 -4.76 41.00 -30.22
N ASP B 130 -6.08 40.77 -30.23
CA ASP B 130 -6.99 41.36 -29.23
C ASP B 130 -7.48 40.35 -28.21
N GLU B 131 -7.34 39.06 -28.53
CA GLU B 131 -7.90 37.95 -27.73
C GLU B 131 -7.44 37.99 -26.26
N PRO B 132 -8.41 37.92 -25.31
CA PRO B 132 -8.02 38.06 -23.91
C PRO B 132 -7.54 36.72 -23.36
N VAL B 133 -6.43 36.74 -22.63
CA VAL B 133 -5.98 35.52 -21.97
C VAL B 133 -5.70 35.87 -20.50
N SER B 134 -6.20 35.05 -19.58
CA SER B 134 -6.16 35.36 -18.14
C SER B 134 -6.02 34.11 -17.28
N PHE B 135 -5.52 34.29 -16.06
CA PHE B 135 -5.34 33.21 -15.08
C PHE B 135 -5.22 33.76 -13.65
N GLY B 136 -5.38 32.88 -12.64
CA GLY B 136 -5.30 33.31 -11.26
C GLY B 136 -3.98 32.88 -10.66
N ILE B 137 -3.65 33.46 -9.50
CA ILE B 137 -2.36 33.21 -8.82
C ILE B 137 -2.54 33.16 -7.29
N PRO B 138 -2.20 32.03 -6.66
CA PRO B 138 -2.27 31.92 -5.20
C PRO B 138 -1.01 32.42 -4.51
N ALA B 139 -1.12 32.87 -3.26
CA ALA B 139 0.00 33.45 -2.53
C ALA B 139 1.25 32.57 -2.58
N GLY B 140 1.05 31.26 -2.51
CA GLY B 140 2.13 30.28 -2.61
C GLY B 140 2.88 30.22 -3.95
N ARG B 141 2.44 30.95 -4.96
CA ARG B 141 3.15 31.05 -6.22
C ARG B 141 3.65 32.48 -6.37
N ALA B 142 3.79 33.18 -5.24
CA ALA B 142 4.15 34.61 -5.28
C ALA B 142 5.17 35.00 -4.21
N SER B 143 5.80 36.18 -4.41
CA SER B 143 6.71 36.77 -3.43
C SER B 143 6.59 38.28 -3.43
N ILE B 144 6.95 38.88 -2.31
CA ILE B 144 6.88 40.35 -2.17
C ILE B 144 7.78 41.05 -3.21
N LYS B 145 9.01 40.58 -3.35
CA LYS B 145 9.95 41.08 -4.33
C LYS B 145 9.46 40.82 -5.76
N GLY B 146 8.75 39.71 -5.94
CA GLY B 146 8.20 39.32 -7.23
C GLY B 146 7.06 40.19 -7.65
N ILE B 147 6.22 40.55 -6.69
CA ILE B 147 5.07 41.42 -6.95
C ILE B 147 5.57 42.84 -7.28
N GLU B 148 6.54 43.32 -6.50
CA GLU B 148 7.22 44.61 -6.77
C GLU B 148 7.63 44.70 -8.22
N GLU B 149 8.37 43.68 -8.67
CA GLU B 149 8.87 43.59 -10.05
C GLU B 149 7.76 43.56 -11.12
N PHE B 150 6.72 42.79 -10.87
CA PHE B 150 5.56 42.65 -11.76
C PHE B 150 4.90 44.00 -12.00
N LEU B 151 4.68 44.76 -10.90
CA LEU B 151 4.09 46.09 -10.99
C LEU B 151 5.01 47.09 -11.72
N SER B 152 6.31 46.80 -11.72
CA SER B 152 7.33 47.63 -12.35
C SER B 152 7.48 47.40 -13.85
N LEU B 153 6.92 46.30 -14.38
CA LEU B 153 6.96 46.06 -15.83
C LEU B 153 6.05 47.07 -16.54
N VAL B 154 6.70 48.06 -17.13
CA VAL B 154 5.95 49.21 -17.61
C VAL B 154 5.08 48.87 -18.80
N PHE B 155 5.41 47.83 -19.55
CA PHE B 155 4.55 47.40 -20.67
C PHE B 155 3.19 46.87 -20.21
N LEU B 156 3.09 46.47 -18.95
CA LEU B 156 1.82 46.02 -18.42
C LEU B 156 0.91 47.22 -18.13
N THR B 157 1.51 48.35 -17.77
CA THR B 157 0.76 49.58 -17.52
C THR B 157 0.22 50.16 -18.84
N GLU B 158 1.10 50.41 -19.80
CA GLU B 158 0.70 51.03 -21.07
C GLU B 158 -0.07 50.09 -22.03
N GLY B 159 0.15 48.79 -21.88
CA GLY B 159 -0.54 47.78 -22.70
C GLY B 159 -1.96 47.47 -22.25
N GLY B 160 -2.34 47.94 -21.07
CA GLY B 160 -3.70 47.71 -20.56
C GLY B 160 -3.94 46.37 -19.88
N ALA B 161 -2.89 45.77 -19.34
CA ALA B 161 -3.04 44.52 -18.57
C ALA B 161 -3.72 44.84 -17.25
N GLU B 162 -4.40 43.85 -16.68
CA GLU B 162 -5.12 44.06 -15.41
C GLU B 162 -4.69 43.06 -14.37
N PHE B 163 -4.62 43.51 -13.12
CA PHE B 163 -4.35 42.60 -12.04
C PHE B 163 -4.70 43.15 -10.64
N GLY B 164 -5.56 42.45 -9.92
CA GLY B 164 -5.89 42.82 -8.56
C GLY B 164 -6.82 41.80 -7.93
N PRO B 165 -7.37 42.10 -6.71
CA PRO B 165 -8.35 41.10 -6.23
C PRO B 165 -9.58 40.96 -7.06
N GLY B 166 -10.07 39.76 -7.29
CA GLY B 166 -11.27 39.62 -8.08
C GLY B 166 -11.87 38.26 -7.94
N LYS B 167 -12.60 37.85 -8.96
CA LYS B 167 -13.31 36.61 -8.94
C LYS B 167 -13.29 36.05 -10.34
N ALA B 168 -13.57 34.76 -10.49
CA ALA B 168 -13.45 34.11 -11.80
C ALA B 168 -14.74 34.19 -12.60
N GLY B 169 -14.62 34.53 -13.87
CA GLY B 169 -15.79 34.84 -14.71
C GLY B 169 -16.06 33.73 -15.70
N PRO B 170 -17.22 33.76 -16.43
CA PRO B 170 -17.39 32.69 -17.40
C PRO B 170 -16.68 33.05 -18.68
N PHE B 171 -16.35 34.31 -18.84
CA PHE B 171 -15.60 34.76 -20.00
C PHE B 171 -14.52 35.75 -19.59
N GLY B 172 -14.21 35.77 -18.30
CA GLY B 172 -13.25 36.72 -17.78
C GLY B 172 -13.45 37.13 -16.32
N PRO B 173 -12.37 37.59 -15.66
CA PRO B 173 -12.52 37.84 -14.24
C PRO B 173 -13.15 39.22 -13.98
N ARG B 174 -14.13 39.26 -13.09
CA ARG B 174 -14.71 40.54 -12.68
C ARG B 174 -13.92 41.08 -11.49
N PHE B 175 -12.97 41.96 -11.79
CA PHE B 175 -12.04 42.39 -10.75
C PHE B 175 -12.70 43.38 -9.81
N ASP B 176 -12.30 43.32 -8.55
CA ASP B 176 -12.76 44.28 -7.55
C ASP B 176 -11.88 45.53 -7.64
N LYS B 177 -10.60 45.33 -7.92
CA LYS B 177 -9.62 46.41 -8.18
C LYS B 177 -8.62 45.97 -9.24
N ASN B 178 -8.08 46.94 -9.97
CA ASN B 178 -6.98 46.75 -10.91
C ASN B 178 -5.83 47.69 -10.54
N TYR B 179 -4.73 47.13 -10.04
CA TYR B 179 -3.63 47.94 -9.52
C TYR B 179 -2.91 48.75 -10.60
N PHE B 180 -3.03 48.31 -11.85
CA PHE B 180 -2.42 49.02 -12.96
C PHE B 180 -3.14 50.30 -13.34
N LYS B 181 -4.31 50.54 -12.73
CA LYS B 181 -5.05 51.79 -12.93
C LYS B 181 -4.64 52.84 -11.90
N ASN B 182 -4.09 53.95 -12.40
CA ASN B 182 -3.60 55.07 -11.59
C ASN B 182 -2.51 54.64 -10.58
N LEU B 183 -1.62 53.77 -11.08
CA LEU B 183 -0.54 53.24 -10.27
C LEU B 183 0.54 54.31 -10.14
N ASN B 184 0.76 54.75 -8.90
CA ASN B 184 1.91 55.57 -8.57
C ASN B 184 3.11 54.63 -8.40
N PRO B 185 4.14 54.74 -9.28
CA PRO B 185 5.26 53.81 -9.11
C PRO B 185 6.12 54.10 -7.87
N GLU B 186 5.92 55.24 -7.20
CA GLU B 186 6.57 55.50 -5.91
C GLU B 186 6.03 54.61 -4.81
N GLN B 187 4.75 54.24 -4.93
CA GLN B 187 4.05 53.41 -3.94
C GLN B 187 4.19 51.89 -4.11
N ILE B 188 4.89 51.42 -5.15
CA ILE B 188 4.92 49.98 -5.44
C ILE B 188 5.58 49.12 -4.33
N PRO B 189 6.63 49.59 -3.61
CA PRO B 189 7.12 48.71 -2.52
C PRO B 189 6.10 48.45 -1.39
N ASP B 190 5.37 49.49 -0.98
CA ASP B 190 4.30 49.37 0.06
C ASP B 190 3.07 48.61 -0.41
N LEU B 191 2.72 48.79 -1.68
CA LEU B 191 1.61 48.08 -2.29
C LEU B 191 1.90 46.58 -2.44
N ALA B 192 3.13 46.24 -2.84
CA ALA B 192 3.57 44.83 -2.95
C ALA B 192 3.46 44.05 -1.65
N LYS B 193 3.75 44.70 -0.52
CA LYS B 193 3.59 44.09 0.81
C LYS B 193 2.13 43.84 1.11
N GLN B 194 1.29 44.80 0.76
CA GLN B 194 -0.14 44.70 1.03
C GLN B 194 -0.80 43.66 0.14
N ILE B 195 -0.43 43.61 -1.15
CA ILE B 195 -0.97 42.59 -2.07
C ILE B 195 -0.62 41.20 -1.55
N TYR B 196 0.64 41.00 -1.15
CA TYR B 196 1.05 39.69 -0.62
C TYR B 196 0.27 39.33 0.66
N PHE B 197 0.17 40.26 1.60
CA PHE B 197 -0.61 40.06 2.82
C PHE B 197 -2.07 39.71 2.50
N ASP B 198 -2.63 40.39 1.49
CA ASP B 198 -4.00 40.14 1.03
C ASP B 198 -4.16 38.74 0.45
N MSE B 199 -3.18 38.29 -0.32
CA MSE B 199 -3.22 36.97 -0.94
C MSE B 199 -3.10 35.87 0.09
O MSE B 199 -3.67 34.78 -0.09
CB MSE B 199 -2.09 36.86 -1.96
CG MSE B 199 -2.30 37.68 -3.24
SE MSE B 199 -0.59 37.62 -4.25
CE MSE B 199 -1.02 36.15 -5.45
N CYS B 200 -2.38 36.16 1.18
CA CYS B 200 -2.21 35.25 2.33
C CYS B 200 -3.44 35.18 3.22
N LYS B 201 -4.08 36.32 3.43
CA LYS B 201 -5.31 36.34 4.21
C LYS B 201 -6.31 35.38 3.58
N TYR B 202 -6.38 35.34 2.25
CA TYR B 202 -7.28 34.43 1.56
C TYR B 202 -6.82 32.96 1.62
N GLY B 203 -5.53 32.73 1.80
CA GLY B 203 -5.01 31.37 1.94
C GLY B 203 -3.83 31.09 1.02
N HIS B 204 -2.82 30.42 1.58
CA HIS B 204 -1.59 30.14 0.86
C HIS B 204 -1.84 29.49 -0.50
N SER B 205 -2.71 28.49 -0.53
CA SER B 205 -2.99 27.73 -1.75
C SER B 205 -4.31 28.14 -2.40
N ASN B 206 -4.88 29.26 -1.96
CA ASN B 206 -6.14 29.75 -2.52
C ASN B 206 -5.95 30.94 -3.46
N THR B 207 -6.77 31.01 -4.50
CA THR B 207 -6.65 32.04 -5.52
C THR B 207 -7.70 33.16 -5.40
N ASN B 208 -7.20 34.34 -5.05
CA ASN B 208 -7.98 35.52 -4.76
C ASN B 208 -7.76 36.60 -5.86
N HIS B 209 -6.52 36.64 -6.33
CA HIS B 209 -6.03 37.60 -7.27
C HIS B 209 -5.84 37.02 -8.68
N PHE B 210 -6.32 37.77 -9.66
CA PHE B 210 -6.29 37.35 -11.05
C PHE B 210 -5.51 38.32 -11.92
N TYR B 211 -5.11 37.83 -13.08
CA TYR B 211 -4.30 38.58 -14.00
C TYR B 211 -4.88 38.39 -15.40
N LEU B 212 -5.14 39.51 -16.07
CA LEU B 212 -5.58 39.52 -17.46
C LEU B 212 -4.49 40.21 -18.25
N ALA B 213 -3.98 39.48 -19.24
CA ALA B 213 -2.83 39.92 -20.02
C ALA B 213 -3.16 41.08 -20.94
N VAL B 214 -2.10 41.61 -21.51
CA VAL B 214 -2.11 42.75 -22.41
C VAL B 214 -2.89 42.44 -23.72
N MSE B 215 -3.69 43.39 -24.19
CA MSE B 215 -4.48 43.23 -25.43
C MSE B 215 -4.08 44.23 -26.51
O MSE B 215 -4.61 44.17 -27.62
CB MSE B 215 -5.95 43.36 -25.07
CG MSE B 215 -6.39 42.06 -24.38
SE MSE B 215 -8.29 42.03 -23.80
CE MSE B 215 -8.07 42.99 -22.09
N LYS B 216 -3.11 45.09 -26.21
CA LYS B 216 -2.54 46.05 -27.15
C LYS B 216 -1.06 45.69 -27.41
N ASN B 217 -0.62 45.84 -28.66
CA ASN B 217 0.80 45.77 -29.07
C ASN B 217 1.62 44.53 -28.62
N VAL B 218 1.06 43.34 -28.70
CA VAL B 218 1.81 42.16 -28.23
C VAL B 218 3.04 41.91 -29.13
N ASP B 219 2.87 42.05 -30.45
CA ASP B 219 3.99 41.90 -31.40
C ASP B 219 5.16 42.88 -31.12
N VAL B 220 4.81 44.09 -30.68
CA VAL B 220 5.79 45.12 -30.36
C VAL B 220 6.58 44.75 -29.11
N TYR B 221 5.86 44.37 -28.06
CA TYR B 221 6.48 44.01 -26.77
C TYR B 221 7.32 42.75 -26.90
N LEU B 222 6.86 41.80 -27.71
CA LEU B 222 7.59 40.56 -27.98
C LEU B 222 8.95 40.86 -28.61
N GLU B 223 8.95 41.78 -29.57
CA GLU B 223 10.18 42.25 -30.21
C GLU B 223 11.07 43.05 -29.23
N LYS B 224 10.45 43.90 -28.40
CA LYS B 224 11.17 44.65 -27.35
C LYS B 224 11.93 43.73 -26.39
N ILE B 225 11.24 42.71 -25.84
CA ILE B 225 11.87 41.72 -24.95
C ILE B 225 13.02 40.97 -25.66
N THR B 226 12.84 40.61 -26.93
CA THR B 226 13.85 39.89 -27.72
C THR B 226 15.14 40.71 -27.88
N GLN B 227 14.95 42.00 -28.20
CA GLN B 227 16.07 42.93 -28.37
C GLN B 227 16.78 43.17 -27.05
N SER B 228 15.99 43.42 -26.00
CA SER B 228 16.48 43.57 -24.63
C SER B 228 17.35 42.38 -24.21
N TYR B 229 16.86 41.17 -24.46
CA TYR B 229 17.62 39.95 -24.13
C TYR B 229 18.97 39.92 -24.82
N ASN B 230 18.98 40.01 -26.14
CA ASN B 230 20.21 39.93 -26.91
C ASN B 230 21.20 41.05 -26.60
N LYS B 231 20.68 42.20 -26.17
CA LYS B 231 21.51 43.32 -25.71
C LYS B 231 22.16 42.95 -24.38
N GLU B 232 21.33 42.61 -23.39
CA GLU B 232 21.80 42.40 -22.01
C GLU B 232 22.71 41.16 -21.81
N ILE B 233 22.38 40.07 -22.51
CA ILE B 233 23.12 38.80 -22.39
C ILE B 233 24.61 39.00 -22.76
N LYS B 234 24.86 39.90 -23.72
CA LYS B 234 26.21 40.20 -24.15
C LYS B 234 27.00 41.03 -23.12
N THR B 235 26.28 41.75 -22.27
CA THR B 235 26.84 42.52 -21.14
C THR B 235 27.37 41.63 -20.01
N ALA B 236 26.58 40.62 -19.65
CA ALA B 236 26.90 39.70 -18.56
C ALA B 236 28.16 38.89 -18.83
N GLU B 237 29.03 38.79 -17.83
CA GLU B 237 30.26 38.00 -17.94
C GLU B 237 30.20 36.64 -17.20
N THR B 238 29.85 36.64 -15.92
CA THR B 238 29.76 35.39 -15.12
C THR B 238 28.48 34.63 -15.42
N LEU B 239 28.43 33.37 -15.00
CA LEU B 239 27.26 32.52 -15.24
C LEU B 239 26.06 32.95 -14.42
N ASP B 240 26.34 33.50 -13.23
CA ASP B 240 25.27 34.00 -12.36
C ASP B 240 24.62 35.26 -12.96
N GLU B 241 25.44 36.14 -13.53
CA GLU B 241 24.95 37.32 -14.26
C GLU B 241 24.09 36.90 -15.47
N LYS B 242 24.61 35.95 -16.24
CA LYS B 242 23.90 35.41 -17.40
C LYS B 242 22.56 34.77 -17.02
N LEU B 243 22.57 33.94 -15.99
CA LEU B 243 21.34 33.37 -15.41
C LEU B 243 20.31 34.43 -15.08
N LYS B 244 20.73 35.48 -14.37
CA LYS B 244 19.85 36.58 -14.02
C LYS B 244 19.15 37.14 -15.25
N ILE B 245 19.94 37.35 -16.32
CA ILE B 245 19.42 37.89 -17.57
C ILE B 245 18.48 36.88 -18.23
N ILE B 246 18.87 35.61 -18.31
CA ILE B 246 18.00 34.57 -18.89
C ILE B 246 16.62 34.49 -18.18
N VAL B 247 16.64 34.31 -16.86
CA VAL B 247 15.38 34.15 -16.14
C VAL B 247 14.55 35.44 -16.17
N LYS B 248 15.21 36.58 -16.13
CA LYS B 248 14.52 37.85 -16.17
C LYS B 248 13.74 37.99 -17.48
N HIS B 249 14.32 37.51 -18.58
CA HIS B 249 13.68 37.66 -19.88
C HIS B 249 12.64 36.60 -20.17
N ILE B 250 12.91 35.37 -19.73
CA ILE B 250 11.93 34.29 -19.83
C ILE B 250 10.67 34.64 -19.01
N ARG B 251 10.87 35.26 -17.84
CA ARG B 251 9.78 35.81 -17.02
C ARG B 251 8.93 36.80 -17.79
N MSE B 252 9.60 37.77 -18.40
CA MSE B 252 8.92 38.82 -19.16
C MSE B 252 8.17 38.23 -20.33
O MSE B 252 7.06 38.68 -20.61
CB MSE B 252 9.92 39.85 -19.66
CG MSE B 252 10.47 40.75 -18.55
SE MSE B 252 11.11 42.37 -19.47
CE MSE B 252 12.95 41.72 -19.42
N TYR B 253 8.71 37.20 -20.97
CA TYR B 253 8.04 36.50 -22.06
C TYR B 253 6.76 35.82 -21.59
N GLU B 254 6.82 35.19 -20.41
CA GLU B 254 5.66 34.54 -19.78
C GLU B 254 4.58 35.56 -19.38
N VAL B 255 4.99 36.57 -18.60
CA VAL B 255 4.11 37.65 -18.13
C VAL B 255 3.31 38.35 -19.24
N LEU B 256 4.01 38.80 -20.30
CA LEU B 256 3.35 39.09 -21.57
C LEU B 256 2.94 37.72 -22.09
N HIS B 257 1.64 37.50 -22.25
CA HIS B 257 1.18 36.17 -22.62
C HIS B 257 0.88 36.31 -24.11
N PRO B 258 1.90 36.17 -24.98
CA PRO B 258 1.65 36.47 -26.39
C PRO B 258 0.81 35.48 -27.17
N PHE B 259 0.72 34.23 -26.70
CA PHE B 259 -0.05 33.23 -27.42
C PHE B 259 -1.40 32.91 -26.77
N ARG B 260 -2.30 32.36 -27.59
CA ARG B 260 -3.65 31.96 -27.20
C ARG B 260 -3.60 30.83 -26.16
N ASP B 261 -2.62 29.94 -26.34
CA ASP B 261 -2.44 28.76 -25.51
C ASP B 261 -0.95 28.43 -25.36
N ALA B 262 -0.65 27.53 -24.42
CA ALA B 262 0.69 26.95 -24.21
C ALA B 262 1.86 27.94 -24.07
N ASN B 263 1.65 29.01 -23.30
CA ASN B 263 2.73 29.94 -22.97
C ASN B 263 3.78 29.32 -22.03
N GLY B 264 3.34 28.51 -21.05
CA GLY B 264 4.24 27.83 -20.12
C GLY B 264 5.18 26.84 -20.78
N ARG B 265 4.61 25.88 -21.52
CA ARG B 265 5.38 24.89 -22.30
C ARG B 265 6.32 25.57 -23.31
N THR B 266 5.84 26.60 -23.99
CA THR B 266 6.65 27.33 -24.99
C THR B 266 7.86 28.04 -24.37
N PHE B 267 7.69 28.73 -23.24
CA PHE B 267 8.76 29.58 -22.70
C PHE B 267 9.60 28.96 -21.59
N VAL B 268 9.00 28.19 -20.68
CA VAL B 268 9.79 27.59 -19.58
C VAL B 268 10.19 26.11 -19.80
N ASN B 269 9.34 25.27 -20.40
CA ASN B 269 9.73 23.88 -20.70
C ASN B 269 10.54 23.72 -21.99
N ASN B 270 10.48 24.72 -22.88
CA ASN B 270 11.22 24.67 -24.15
C ASN B 270 12.26 25.80 -24.20
N LEU B 271 11.81 27.02 -24.48
CA LEU B 271 12.75 28.15 -24.67
C LEU B 271 13.77 28.28 -23.56
N LEU B 272 13.36 28.32 -22.29
CA LEU B 272 14.33 28.45 -21.18
C LEU B 272 15.54 27.52 -21.30
N ASN B 273 15.30 26.30 -21.77
CA ASN B 273 16.36 25.30 -21.90
C ASN B 273 17.38 25.59 -22.97
N ILE B 274 17.04 26.44 -23.93
CA ILE B 274 17.99 26.80 -24.98
C ILE B 274 19.11 27.72 -24.45
N PRO B 275 18.82 28.92 -23.90
CA PRO B 275 19.91 29.69 -23.29
C PRO B 275 20.66 28.96 -22.18
N LEU B 276 19.98 28.04 -21.49
CA LEU B 276 20.63 27.25 -20.46
C LEU B 276 21.68 26.37 -21.09
N MSE B 277 21.30 25.65 -22.15
CA MSE B 277 22.24 24.77 -22.82
C MSE B 277 23.29 25.49 -23.65
O MSE B 277 24.37 24.97 -23.89
CB MSE B 277 21.48 23.79 -23.72
CG MSE B 277 20.88 22.67 -22.89
SE MSE B 277 19.74 21.61 -24.07
CE MSE B 277 19.60 20.15 -22.79
N GLN B 278 22.97 26.72 -24.08
CA GLN B 278 23.92 27.58 -24.76
C GLN B 278 25.05 27.95 -23.82
N GLN B 279 24.73 28.12 -22.53
CA GLN B 279 25.73 28.42 -21.52
C GLN B 279 26.44 27.16 -21.06
N GLY B 280 26.05 25.99 -21.58
CA GLY B 280 26.64 24.71 -21.20
C GLY B 280 26.07 24.13 -19.91
N LEU B 281 24.84 24.54 -19.58
CA LEU B 281 24.13 24.03 -18.39
C LEU B 281 23.12 22.98 -18.82
N PRO B 282 22.74 22.07 -17.89
CA PRO B 282 21.71 21.08 -18.19
C PRO B 282 20.32 21.72 -18.33
N PRO B 283 19.37 21.04 -19.01
CA PRO B 283 18.01 21.57 -19.00
C PRO B 283 17.39 21.45 -17.62
N ALA B 284 16.24 22.08 -17.40
CA ALA B 284 15.66 22.19 -16.05
C ALA B 284 14.51 21.20 -15.82
N THR B 285 14.59 20.45 -14.73
CA THR B 285 13.51 19.59 -14.30
C THR B 285 12.80 20.32 -13.21
N PHE B 286 11.50 20.56 -13.36
CA PHE B 286 10.75 21.26 -12.31
C PHE B 286 9.75 20.67 -11.36
N TYR B 287 9.72 21.14 -10.12
CA TYR B 287 8.80 20.61 -9.12
C TYR B 287 7.56 21.38 -9.51
N GLU B 288 7.56 22.67 -9.15
CA GLU B 288 6.51 23.57 -9.59
C GLU B 288 7.16 24.70 -10.30
N PRO B 289 6.94 24.82 -11.66
CA PRO B 289 7.55 26.00 -12.30
C PRO B 289 6.72 27.24 -12.54
N ASN B 290 5.42 27.14 -12.29
CA ASN B 290 4.48 28.15 -12.71
C ASN B 290 4.62 29.33 -11.77
N VAL B 291 5.88 29.67 -11.51
CA VAL B 291 6.22 30.79 -10.65
C VAL B 291 6.89 31.90 -11.45
N PHE B 292 6.89 31.76 -12.78
CA PHE B 292 7.45 32.78 -13.69
C PHE B 292 6.55 34.01 -13.92
N ASP B 293 5.61 34.27 -13.00
CA ASP B 293 4.75 35.44 -13.07
C ASP B 293 5.03 36.38 -11.89
N LEU B 294 4.83 35.92 -10.67
CA LEU B 294 4.93 36.78 -9.48
C LEU B 294 6.15 36.51 -8.57
N TYR B 295 7.11 35.73 -9.06
CA TYR B 295 8.39 35.59 -8.39
C TYR B 295 9.32 36.58 -9.03
N SER B 296 10.33 37.01 -8.28
CA SER B 296 11.31 37.96 -8.81
C SER B 296 12.39 37.21 -9.58
N ALA B 297 13.08 37.92 -10.48
CA ALA B 297 14.17 37.36 -11.32
C ALA B 297 15.25 36.67 -10.49
N GLU B 298 15.69 37.34 -9.41
CA GLU B 298 16.66 36.81 -8.44
C GLU B 298 16.25 35.48 -7.77
N GLU B 299 15.01 35.45 -7.33
CA GLU B 299 14.45 34.29 -6.69
C GLU B 299 14.22 33.20 -7.72
N LEU B 300 13.95 33.60 -8.97
CA LEU B 300 13.79 32.63 -10.07
C LEU B 300 15.12 31.96 -10.44
N VAL B 301 16.22 32.64 -10.19
CA VAL B 301 17.54 32.06 -10.42
C VAL B 301 17.66 30.85 -9.50
N VAL B 302 17.28 31.02 -8.23
CA VAL B 302 17.33 29.92 -7.26
C VAL B 302 16.39 28.79 -7.68
N VAL B 303 15.20 29.14 -8.12
CA VAL B 303 14.24 28.15 -8.62
C VAL B 303 14.83 27.36 -9.79
N VAL B 304 15.45 28.05 -10.75
CA VAL B 304 16.07 27.38 -11.90
C VAL B 304 17.30 26.55 -11.48
N LYS B 305 18.09 27.05 -10.54
CA LYS B 305 19.27 26.31 -10.07
C LYS B 305 18.91 24.94 -9.48
N GLU B 306 17.91 24.90 -8.61
CA GLU B 306 17.41 23.63 -8.09
C GLU B 306 16.72 22.73 -9.14
N ALA B 307 16.11 23.36 -10.16
CA ALA B 307 15.53 22.63 -11.30
C ALA B 307 16.66 21.96 -12.08
N ILE B 308 17.76 22.69 -12.25
CA ILE B 308 18.97 22.14 -12.86
C ILE B 308 19.61 21.04 -11.97
N PHE B 309 19.67 21.31 -10.67
CA PHE B 309 20.15 20.36 -9.66
C PHE B 309 19.41 19.05 -9.79
N ASN B 310 18.10 19.12 -10.04
CA ASN B 310 17.29 17.93 -10.22
C ASN B 310 17.80 17.08 -11.39
N THR B 311 18.04 17.70 -12.55
CA THR B 311 18.58 17.01 -13.74
C THR B 311 19.91 16.31 -13.42
N VAL B 312 20.74 16.97 -12.62
CA VAL B 312 22.02 16.42 -12.22
C VAL B 312 21.81 15.21 -11.30
N GLU B 313 20.85 15.29 -10.39
CA GLU B 313 20.60 14.17 -9.50
C GLU B 313 19.93 13.02 -10.22
N ILE B 314 19.09 13.33 -11.21
CA ILE B 314 18.48 12.29 -12.04
C ILE B 314 19.59 11.49 -12.76
N ILE B 315 20.50 12.19 -13.42
CA ILE B 315 21.54 11.54 -14.21
C ILE B 315 22.45 10.71 -13.28
N GLU B 316 22.86 11.29 -12.14
CA GLU B 316 23.74 10.62 -11.17
C GLU B 316 23.13 9.32 -10.62
N GLN B 317 21.87 9.37 -10.21
CA GLN B 317 21.19 8.18 -9.67
C GLN B 317 21.10 7.08 -10.73
N SER B 318 20.78 7.46 -11.97
CA SER B 318 20.66 6.48 -13.05
C SER B 318 22.03 5.89 -13.41
N LYS B 319 23.06 6.74 -13.46
CA LYS B 319 24.46 6.31 -13.67
C LYS B 319 24.88 5.33 -12.61
N ARG B 320 24.50 5.60 -11.36
CA ARG B 320 24.79 4.70 -10.25
C ARG B 320 23.81 3.52 -10.11
N LYS B 321 22.93 3.38 -11.09
CA LYS B 321 21.90 2.36 -11.08
C LYS B 321 20.99 2.44 -9.86
N THR B 322 21.08 3.57 -9.17
CA THR B 322 20.26 3.82 -8.00
C THR B 322 18.82 4.15 -8.41
N PRO B 323 17.81 3.34 -7.90
CA PRO B 323 16.47 3.75 -8.34
C PRO B 323 16.16 5.20 -8.05
N ILE B 324 15.13 5.73 -8.68
CA ILE B 324 14.72 7.12 -8.47
C ILE B 324 13.55 7.21 -7.50
N THR B 325 13.67 8.12 -6.54
CA THR B 325 12.61 8.32 -5.54
C THR B 325 12.36 9.79 -5.26
N LEU B 326 12.54 10.63 -6.28
CA LEU B 326 12.40 12.05 -6.10
C LEU B 326 10.96 12.55 -6.05
N TYR B 327 10.66 13.26 -4.97
CA TYR B 327 9.36 13.94 -4.81
C TYR B 327 8.21 13.02 -4.47
N GLY B 328 8.49 11.72 -4.51
CA GLY B 328 7.60 10.69 -4.02
C GLY B 328 7.15 9.66 -5.05
N TYR B 329 7.79 9.62 -6.21
CA TYR B 329 7.40 8.66 -7.22
C TYR B 329 8.43 7.57 -7.39
N HIS B 330 8.08 6.38 -6.96
CA HIS B 330 8.93 5.21 -7.15
C HIS B 330 8.41 4.56 -8.39
N SER B 331 9.02 4.86 -9.53
CA SER B 331 8.51 4.30 -10.78
C SER B 331 8.59 2.76 -10.74
N SER B 332 7.48 2.12 -11.08
CA SER B 332 7.45 0.65 -11.19
C SER B 332 8.03 0.24 -12.54
N LEU B 333 8.54 -0.99 -12.62
CA LEU B 333 9.13 -1.52 -13.86
C LEU B 333 8.12 -1.54 -15.02
N GLU B 334 6.85 -1.75 -14.69
CA GLU B 334 5.79 -1.77 -15.68
C GLU B 334 5.60 -0.37 -16.29
N GLU B 335 5.71 0.64 -15.45
CA GLU B 335 5.60 2.04 -15.90
C GLU B 335 6.73 2.39 -16.85
N GLN B 336 7.94 1.97 -16.49
CA GLN B 336 9.11 2.23 -17.33
C GLN B 336 8.96 1.58 -18.69
N THR B 337 8.52 0.34 -18.71
CA THR B 337 8.30 -0.39 -19.96
C THR B 337 7.21 0.28 -20.78
N LYS B 338 6.15 0.71 -20.12
CA LYS B 338 5.03 1.40 -20.80
C LYS B 338 5.49 2.70 -21.45
N PHE B 339 6.35 3.44 -20.76
CA PHE B 339 6.91 4.68 -21.30
C PHE B 339 7.94 4.42 -22.42
N ARG B 340 8.76 3.38 -22.27
CA ARG B 340 9.76 3.01 -23.27
C ARG B 340 9.12 2.64 -24.60
N ASP B 341 7.98 1.94 -24.52
CA ASP B 341 7.21 1.51 -25.69
C ASP B 341 6.46 2.69 -26.31
N MSE B 342 6.09 3.65 -25.48
CA MSE B 342 5.34 4.82 -25.92
C MSE B 342 6.24 5.89 -26.49
O MSE B 342 5.81 6.65 -27.34
CB MSE B 342 4.58 5.35 -24.71
CG MSE B 342 3.44 6.26 -25.12
SE MSE B 342 3.49 7.79 -23.92
CE MSE B 342 5.05 8.74 -24.67
N LEU B 343 7.48 5.95 -26.02
CA LEU B 343 8.50 6.89 -26.51
C LEU B 343 8.64 6.79 -28.04
N ASP B 344 8.53 7.93 -28.70
CA ASP B 344 8.54 8.00 -30.17
C ASP B 344 8.78 9.43 -30.67
N SER B 345 10.04 9.74 -30.98
CA SER B 345 10.47 11.11 -31.30
C SER B 345 11.78 11.04 -32.10
N PRO B 346 11.70 11.22 -33.44
CA PRO B 346 12.88 11.14 -34.32
C PRO B 346 14.05 12.06 -33.91
N SER B 347 13.74 13.32 -33.59
CA SER B 347 14.75 14.31 -33.22
C SER B 347 15.43 13.99 -31.89
N TYR B 348 14.71 13.32 -30.99
CA TYR B 348 15.33 12.85 -29.74
C TYR B 348 16.33 11.75 -30.07
N GLU B 349 15.98 10.86 -31.00
CA GLU B 349 16.87 9.76 -31.39
C GLU B 349 18.20 10.25 -31.93
N LYS B 350 18.15 11.32 -32.73
CA LYS B 350 19.34 11.93 -33.29
C LYS B 350 20.30 12.49 -32.22
N ILE B 351 19.74 13.13 -31.20
CA ILE B 351 20.54 13.70 -30.10
C ILE B 351 21.11 12.62 -29.15
N LYS B 352 20.35 11.52 -28.97
CA LYS B 352 20.79 10.41 -28.11
C LYS B 352 21.99 9.69 -28.71
N HIS B 353 22.13 9.76 -30.04
CA HIS B 353 23.25 9.16 -30.77
C HIS B 353 24.12 10.23 -31.46
N MSE B 354 24.08 11.46 -30.95
CA MSE B 354 24.97 12.53 -31.40
C MSE B 354 26.34 12.31 -30.80
O MSE B 354 26.46 11.73 -29.72
CB MSE B 354 24.41 13.87 -30.96
CG MSE B 354 24.67 14.96 -31.99
SE MSE B 354 23.85 16.62 -31.32
CE MSE B 354 25.25 17.85 -31.95
N ASP B 355 27.39 12.74 -31.49
CA ASP B 355 28.77 12.54 -31.02
C ASP B 355 29.34 13.81 -30.37
N PHE B 356 29.41 13.84 -29.04
CA PHE B 356 29.98 14.98 -28.30
C PHE B 356 31.42 14.71 -27.82
N SER B 357 32.19 14.02 -28.65
CA SER B 357 33.64 13.87 -28.50
C SER B 357 34.35 15.21 -28.76
N ASP B 358 33.74 16.08 -29.58
CA ASP B 358 34.25 17.43 -29.89
C ASP B 358 34.01 18.45 -28.75
N LEU B 359 33.97 17.96 -27.51
CA LEU B 359 33.57 18.78 -26.36
C LEU B 359 34.10 18.17 -25.07
N ASN B 360 34.58 19.02 -24.16
CA ASN B 360 35.09 18.60 -22.86
C ASN B 360 33.96 18.49 -21.81
N PRO B 361 33.57 17.24 -21.46
CA PRO B 361 32.44 17.07 -20.54
C PRO B 361 32.75 17.57 -19.13
N GLU B 362 34.03 17.60 -18.80
CA GLU B 362 34.44 17.82 -17.44
C GLU B 362 34.45 19.31 -17.11
N LYS B 363 34.93 20.14 -18.04
CA LYS B 363 34.77 21.62 -17.99
C LYS B 363 33.30 21.96 -17.75
N LEU B 364 32.49 21.36 -18.62
CA LEU B 364 31.03 21.50 -18.62
C LEU B 364 30.46 21.09 -17.28
N HIS B 365 30.91 19.93 -16.80
CA HIS B 365 30.43 19.35 -15.56
C HIS B 365 30.90 20.13 -14.33
N LEU B 366 32.13 20.61 -14.34
CA LEU B 366 32.64 21.36 -13.19
C LEU B 366 32.11 22.79 -13.14
N LYS B 367 31.75 23.34 -14.30
CA LYS B 367 31.13 24.66 -14.37
C LYS B 367 29.74 24.67 -13.70
N THR B 368 28.91 23.67 -14.02
CA THR B 368 27.56 23.62 -13.44
C THR B 368 27.68 23.19 -11.98
N GLN B 369 28.70 22.42 -11.65
CA GLN B 369 28.98 22.01 -10.28
C GLN B 369 29.20 23.23 -9.39
N LYS B 370 30.07 24.13 -9.82
CA LYS B 370 30.35 25.33 -9.01
C LYS B 370 29.13 26.25 -8.97
N CYS B 371 28.44 26.39 -10.09
CA CYS B 371 27.24 27.19 -10.16
C CYS B 371 26.13 26.77 -9.16
N LEU B 372 25.99 25.46 -8.93
CA LEU B 372 24.93 24.93 -8.07
C LEU B 372 25.31 24.80 -6.61
N SER B 373 26.60 24.91 -6.33
CA SER B 373 27.13 24.80 -4.98
C SER B 373 26.66 25.98 -4.17
N SER B 374 25.69 26.70 -4.73
CA SER B 374 25.08 27.82 -4.08
C SER B 374 23.95 27.36 -3.21
N LEU B 375 23.33 26.27 -3.63
CA LEU B 375 22.08 25.76 -3.07
C LEU B 375 21.96 25.37 -1.62
N ASN B 376 22.79 24.44 -1.17
CA ASN B 376 22.69 23.93 0.22
C ASN B 376 23.33 24.76 1.33
N GLU B 377 22.84 25.98 1.51
CA GLU B 377 23.48 26.91 2.40
C GLU B 377 22.44 27.60 3.21
N GLN B 378 21.46 28.15 2.53
CA GLN B 378 20.30 28.72 3.17
C GLN B 378 19.33 27.60 3.33
N TYR B 379 18.77 27.44 4.52
CA TYR B 379 17.91 26.32 4.86
C TYR B 379 18.45 24.97 4.39
N PRO B 380 19.55 24.48 5.05
CA PRO B 380 20.10 23.25 4.45
C PRO B 380 19.27 22.02 4.70
N LEU B 381 18.77 21.86 5.93
CA LEU B 381 18.00 20.69 6.28
C LEU B 381 16.90 20.51 5.29
N HIS B 382 15.99 21.45 5.26
CA HIS B 382 14.84 21.25 4.42
C HIS B 382 15.26 20.48 3.15
N ARG B 383 16.35 20.90 2.52
CA ARG B 383 16.83 20.24 1.30
C ARG B 383 17.23 18.81 1.58
N GLY B 384 17.77 18.57 2.78
CA GLY B 384 18.05 17.22 3.25
C GLY B 384 16.83 16.33 3.29
N ALA B 385 15.74 16.84 3.86
CA ALA B 385 14.49 16.14 3.88
C ALA B 385 13.96 15.79 2.49
N ILE B 386 14.30 16.59 1.48
CA ILE B 386 13.84 16.33 0.11
C ILE B 386 14.76 15.38 -0.63
N TYR B 387 16.07 15.58 -0.50
CA TYR B 387 17.06 14.85 -1.31
C TYR B 387 17.84 13.73 -0.63
N LEU B 388 18.11 13.85 0.66
CA LEU B 388 18.96 12.89 1.38
C LEU B 388 18.24 11.60 1.83
N SER B 389 18.85 10.46 1.53
CA SER B 389 18.26 9.16 1.87
C SER B 389 19.14 8.29 2.77
N ASP B 390 20.44 8.59 2.81
CA ASP B 390 21.40 7.82 3.58
C ASP B 390 21.36 8.19 5.06
N PRO B 391 21.06 7.21 5.93
CA PRO B 391 20.90 7.49 7.35
C PRO B 391 22.13 8.09 8.02
N GLY B 392 23.31 7.73 7.53
CA GLY B 392 24.56 8.22 8.09
C GLY B 392 24.76 9.70 7.82
N GLU B 393 24.54 10.08 6.56
CA GLU B 393 24.65 11.48 6.12
C GLU B 393 23.65 12.37 6.83
N ILE B 394 22.45 11.83 7.01
CA ILE B 394 21.34 12.50 7.65
C ILE B 394 21.65 12.74 9.13
N LYS B 395 22.16 11.72 9.82
CA LYS B 395 22.48 11.81 11.25
C LYS B 395 23.56 12.85 11.49
N LEU B 396 24.53 12.89 10.57
CA LEU B 396 25.62 13.85 10.61
C LEU B 396 25.13 15.29 10.43
N LEU B 397 24.28 15.49 9.42
CA LEU B 397 23.66 16.79 9.13
C LEU B 397 22.83 17.38 10.28
N LEU B 398 22.20 16.53 11.08
CA LEU B 398 21.34 17.02 12.15
C LEU B 398 22.04 17.14 13.50
N SER B 399 23.29 16.68 13.54
CA SER B 399 24.15 16.83 14.70
C SER B 399 24.34 18.29 15.08
N ASN B 400 24.23 18.52 16.39
CA ASN B 400 24.42 19.84 17.06
C ASN B 400 23.64 21.01 16.48
N ARG B 401 22.52 20.66 15.86
CA ARG B 401 21.55 21.65 15.42
C ARG B 401 20.65 21.93 16.59
N ASN B 402 20.28 23.19 16.76
CA ASN B 402 19.40 23.57 17.84
C ASN B 402 17.91 23.50 17.49
N GLU B 403 17.12 23.75 18.53
CA GLU B 403 15.67 23.61 18.46
C GLU B 403 15.09 24.56 17.41
N SER B 404 15.68 25.75 17.26
CA SER B 404 15.18 26.70 16.27
C SER B 404 15.54 26.34 14.83
N GLN B 405 16.66 25.65 14.64
CA GLN B 405 17.08 25.18 13.31
C GLN B 405 16.26 24.00 12.84
N ILE B 406 16.01 23.04 13.74
CA ILE B 406 15.25 21.84 13.40
C ILE B 406 13.78 22.15 13.17
N ASN B 407 13.28 23.21 13.81
CA ASN B 407 11.89 23.65 13.66
C ASN B 407 11.64 24.81 12.68
N GLN B 408 12.67 25.17 11.91
CA GLN B 408 12.60 26.37 11.10
C GLN B 408 11.61 26.29 9.93
N GLN B 409 10.78 27.31 9.79
CA GLN B 409 9.85 27.43 8.67
C GLN B 409 10.33 28.51 7.70
N ILE B 410 10.49 28.14 6.44
CA ILE B 410 11.05 29.04 5.44
C ILE B 410 10.01 30.08 4.98
N GLU B 411 10.49 31.31 4.73
CA GLU B 411 9.66 32.49 4.39
C GLU B 411 9.40 32.60 2.88
N GLN B 412 8.47 33.48 2.51
CA GLN B 412 8.17 33.80 1.10
C GLN B 412 9.45 34.13 0.31
N GLY B 413 9.45 33.82 -0.99
CA GLY B 413 10.60 34.07 -1.85
C GLY B 413 11.48 32.88 -2.10
N ALA B 414 11.50 31.93 -1.14
CA ALA B 414 12.18 30.67 -1.36
C ALA B 414 11.38 29.89 -2.40
N PRO B 415 12.02 28.96 -3.11
CA PRO B 415 11.24 28.23 -4.13
C PRO B 415 9.94 27.69 -3.52
N PRO B 416 8.85 27.58 -4.30
CA PRO B 416 7.49 27.26 -3.78
C PRO B 416 7.41 26.16 -2.72
N ILE B 417 8.16 25.08 -2.92
CA ILE B 417 8.05 23.86 -2.12
C ILE B 417 8.42 24.08 -0.65
N TYR B 418 9.27 25.07 -0.35
CA TYR B 418 9.77 25.28 1.03
C TYR B 418 8.88 26.16 1.87
N VAL B 419 8.17 27.07 1.20
CA VAL B 419 7.51 28.15 1.90
C VAL B 419 6.51 27.64 2.96
N GLY B 420 6.75 28.08 4.20
CA GLY B 420 5.89 27.78 5.35
C GLY B 420 6.19 26.46 6.04
N LYS B 421 7.11 25.68 5.50
CA LYS B 421 7.34 24.32 5.98
C LYS B 421 8.57 24.15 6.86
N THR B 422 8.41 23.25 7.84
CA THR B 422 9.49 22.67 8.65
C THR B 422 10.18 21.53 7.91
N PRO B 423 11.37 21.16 8.38
CA PRO B 423 11.97 19.99 7.74
C PRO B 423 11.08 18.76 7.89
N ALA B 424 10.43 18.64 9.04
CA ALA B 424 9.47 17.57 9.31
C ALA B 424 8.33 17.45 8.29
N HIS B 425 7.67 18.55 7.96
CA HIS B 425 6.65 18.53 6.91
C HIS B 425 7.20 17.89 5.64
N LEU B 426 8.37 18.37 5.22
CA LEU B 426 8.98 17.96 3.94
C LEU B 426 9.47 16.51 3.95
N ALA B 427 9.90 16.03 5.11
CA ALA B 427 10.26 14.63 5.27
C ALA B 427 9.04 13.75 5.01
N VAL B 428 7.91 14.14 5.58
CA VAL B 428 6.66 13.38 5.43
C VAL B 428 6.16 13.36 3.98
N ILE B 429 6.15 14.50 3.29
CA ILE B 429 5.66 14.54 1.88
C ILE B 429 6.64 13.85 0.89
N SER B 430 7.92 13.75 1.26
CA SER B 430 8.89 13.07 0.41
C SER B 430 8.90 11.60 0.67
N GLY B 431 8.33 11.18 1.79
CA GLY B 431 8.48 9.81 2.26
C GLY B 431 9.87 9.54 2.81
N ASN B 432 10.54 10.59 3.28
CA ASN B 432 11.89 10.43 3.81
C ASN B 432 11.86 9.89 5.25
N MSE B 433 11.77 8.57 5.34
CA MSE B 433 11.71 7.87 6.61
C MSE B 433 12.91 8.12 7.48
O MSE B 433 12.79 8.37 8.69
CB MSE B 433 11.66 6.38 6.29
CG MSE B 433 11.24 5.54 7.49
SE MSE B 433 9.36 5.96 7.93
CE MSE B 433 9.71 7.13 9.50
N ALA B 434 14.08 8.04 6.86
CA ALA B 434 15.35 8.24 7.56
C ALA B 434 15.40 9.61 8.22
N MSE B 435 14.93 10.62 7.49
CA MSE B 435 15.00 12.00 7.98
C MSE B 435 14.00 12.21 9.07
O MSE B 435 14.33 12.81 10.08
CB MSE B 435 14.84 12.96 6.79
CG MSE B 435 14.65 14.43 7.16
SE MSE B 435 16.21 15.23 8.05
CE MSE B 435 17.46 15.40 6.56
N LEU B 436 12.81 11.67 8.89
CA LEU B 436 11.77 11.78 9.91
C LEU B 436 12.22 11.14 11.23
N ASP B 437 12.83 9.96 11.13
CA ASP B 437 13.37 9.27 12.29
C ASP B 437 14.38 10.11 13.05
N GLU B 438 15.31 10.72 12.32
CA GLU B 438 16.34 11.54 12.98
C GLU B 438 15.73 12.84 13.55
N LEU B 439 14.73 13.37 12.88
CA LEU B 439 14.10 14.59 13.36
C LEU B 439 13.36 14.31 14.65
N ILE B 440 12.70 13.15 14.71
CA ILE B 440 12.02 12.71 15.92
C ILE B 440 13.03 12.51 17.03
N ALA B 441 14.15 11.88 16.72
CA ALA B 441 15.27 11.69 17.66
C ALA B 441 15.76 13.01 18.20
N LYS B 442 15.80 14.03 17.34
CA LYS B 442 16.22 15.38 17.74
C LYS B 442 15.11 16.18 18.42
N LYS B 443 13.97 15.53 18.68
CA LYS B 443 12.80 16.13 19.33
C LYS B 443 12.20 17.34 18.60
N ALA B 444 12.09 17.20 17.30
CA ALA B 444 11.46 18.20 16.47
C ALA B 444 9.99 18.36 16.86
N ASP B 445 9.45 19.55 16.72
CA ASP B 445 8.03 19.80 17.05
C ASP B 445 7.13 19.42 15.86
N LEU B 446 6.31 18.37 16.06
CA LEU B 446 5.46 17.82 14.99
C LEU B 446 4.06 18.43 14.98
N SER B 447 3.81 19.33 15.93
CA SER B 447 2.55 20.06 16.00
C SER B 447 2.50 21.30 15.14
N LEU B 448 3.63 21.71 14.58
CA LEU B 448 3.70 23.02 13.95
C LEU B 448 3.02 22.96 12.60
N GLN B 449 2.20 23.96 12.31
CA GLN B 449 1.44 23.96 11.07
C GLN B 449 2.02 24.92 10.02
N ASP B 450 2.05 24.45 8.78
CA ASP B 450 2.53 25.25 7.65
C ASP B 450 1.49 26.28 7.24
N TYR B 451 1.75 27.01 6.14
CA TYR B 451 0.81 28.08 5.77
C TYR B 451 -0.50 27.57 5.14
N ASP B 452 -0.66 26.27 5.00
CA ASP B 452 -1.96 25.67 4.64
C ASP B 452 -2.73 25.22 5.89
N GLY B 453 -2.18 25.50 7.07
CA GLY B 453 -2.76 25.06 8.34
C GLY B 453 -2.41 23.65 8.76
N LYS B 454 -1.68 22.96 7.89
CA LYS B 454 -1.43 21.53 8.02
C LYS B 454 -0.18 21.22 8.82
N THR B 455 -0.27 20.21 9.67
CA THR B 455 0.86 19.70 10.45
C THR B 455 1.45 18.50 9.74
N ALA B 456 2.57 18.00 10.23
CA ALA B 456 3.16 16.76 9.69
C ALA B 456 2.18 15.60 9.60
N LEU B 457 1.21 15.62 10.52
CA LEU B 457 0.17 14.59 10.62
C LEU B 457 -0.83 14.61 9.44
N HIS B 458 -1.26 15.80 9.05
CA HIS B 458 -2.19 15.97 7.92
C HIS B 458 -1.59 15.39 6.65
N TYR B 459 -0.30 15.66 6.47
CA TYR B 459 0.45 15.20 5.31
C TYR B 459 0.64 13.69 5.35
N ALA B 460 0.85 13.12 6.53
CA ALA B 460 1.05 11.69 6.63
C ALA B 460 -0.22 10.95 6.22
N ALA B 461 -1.36 11.50 6.63
CA ALA B 461 -2.68 10.98 6.29
C ALA B 461 -2.91 11.08 4.80
N GLU B 462 -2.66 12.26 4.25
CA GLU B 462 -2.79 12.51 2.82
C GLU B 462 -1.90 11.63 1.96
N CYS B 463 -0.72 11.27 2.45
CA CYS B 463 0.20 10.41 1.70
C CYS B 463 -0.13 8.94 1.86
N GLY B 464 -0.93 8.63 2.87
CA GLY B 464 -1.36 7.26 3.11
C GLY B 464 -0.27 6.34 3.59
N ASN B 465 0.79 6.89 4.18
CA ASN B 465 1.90 6.10 4.71
C ASN B 465 1.62 5.67 6.14
N MSE B 466 1.32 4.39 6.36
CA MSE B 466 0.94 3.94 7.70
C MSE B 466 2.07 4.08 8.68
O MSE B 466 1.88 4.59 9.78
CB MSE B 466 0.38 2.50 7.65
CG MSE B 466 -0.09 1.95 8.99
SE MSE B 466 -1.45 3.14 9.75
CE MSE B 466 -3.00 2.51 8.75
N GLN B 467 3.27 3.65 8.28
CA GLN B 467 4.44 3.78 9.12
C GLN B 467 4.73 5.20 9.59
N ILE B 468 4.78 6.19 8.70
CA ILE B 468 5.19 7.53 9.13
C ILE B 468 4.10 8.13 10.01
N MSE B 469 2.86 7.79 9.72
CA MSE B 469 1.72 8.20 10.54
C MSE B 469 1.87 7.63 11.92
O MSE B 469 1.73 8.34 12.92
CB MSE B 469 0.49 7.64 9.86
CG MSE B 469 -0.74 7.68 10.75
SE MSE B 469 -1.66 9.40 10.43
CE MSE B 469 -3.44 8.57 10.24
N GLY B 470 2.20 6.35 12.01
CA GLY B 470 2.44 5.66 13.28
C GLY B 470 3.55 6.27 14.13
N LYS B 471 4.70 6.52 13.52
CA LYS B 471 5.82 7.18 14.22
C LYS B 471 5.35 8.51 14.82
N ILE B 472 4.63 9.30 14.04
CA ILE B 472 4.20 10.63 14.47
C ILE B 472 3.23 10.52 15.62
N LEU B 473 2.24 9.65 15.48
CA LEU B 473 1.26 9.46 16.54
C LEU B 473 1.87 8.91 17.84
N LYS B 474 2.87 8.05 17.74
CA LYS B 474 3.57 7.56 18.93
C LYS B 474 4.13 8.73 19.72
N VAL B 475 4.72 9.68 19.02
CA VAL B 475 5.28 10.86 19.65
C VAL B 475 4.16 11.73 20.22
N VAL B 476 3.17 12.04 19.41
CA VAL B 476 2.10 12.96 19.81
C VAL B 476 1.39 12.51 21.08
N LEU B 477 1.28 11.21 21.27
CA LEU B 477 0.55 10.67 22.42
C LEU B 477 1.35 10.65 23.70
N SER B 478 2.66 10.81 23.61
CA SER B 478 3.51 10.85 24.78
C SER B 478 3.63 12.30 25.26
N GLN B 479 2.92 13.20 24.60
CA GLN B 479 2.87 14.60 24.96
C GLN B 479 1.58 14.98 25.66
N GLU B 480 1.71 15.95 26.57
CA GLU B 480 0.60 16.49 27.37
C GLU B 480 -0.59 16.99 26.56
N ASP B 481 -0.33 17.50 25.36
CA ASP B 481 -1.35 18.16 24.58
C ASP B 481 -1.97 17.28 23.50
N ALA B 482 -1.75 15.97 23.59
CA ALA B 482 -2.11 15.03 22.52
C ALA B 482 -3.46 15.30 21.81
N ILE B 483 -4.54 15.47 22.57
CA ILE B 483 -5.86 15.71 21.97
C ILE B 483 -5.98 17.00 21.20
N LYS B 484 -5.35 18.06 21.71
CA LYS B 484 -5.39 19.37 21.08
C LYS B 484 -4.69 19.28 19.73
N VAL B 485 -3.55 18.59 19.74
CA VAL B 485 -2.73 18.36 18.53
C VAL B 485 -3.45 17.51 17.46
N LEU B 486 -4.12 16.43 17.86
CA LEU B 486 -4.79 15.55 16.92
C LEU B 486 -5.98 16.24 16.31
N ASN B 487 -6.58 17.16 17.06
CA ASN B 487 -7.73 17.93 16.57
C ASN B 487 -7.41 19.18 15.75
N ILE B 488 -6.15 19.40 15.42
CA ILE B 488 -5.75 20.58 14.69
C ILE B 488 -6.34 20.58 13.28
N LYS B 489 -7.09 21.63 12.98
CA LYS B 489 -7.74 21.78 11.68
C LYS B 489 -6.89 22.65 10.79
N ASP B 490 -6.86 22.31 9.51
CA ASP B 490 -6.10 23.10 8.58
C ASP B 490 -7.00 24.20 8.02
N ASN B 491 -6.57 24.81 6.90
CA ASN B 491 -7.33 25.86 6.21
C ASN B 491 -8.68 25.44 5.69
N HIS B 492 -8.87 24.15 5.41
CA HIS B 492 -10.16 23.60 4.97
C HIS B 492 -11.00 23.17 6.15
N GLY B 493 -10.59 23.55 7.36
CA GLY B 493 -11.27 23.14 8.60
C GLY B 493 -11.20 21.65 8.87
N LYS B 494 -10.34 20.97 8.13
CA LYS B 494 -10.19 19.53 8.19
C LYS B 494 -9.09 19.11 9.19
N THR B 495 -9.37 17.98 9.83
CA THR B 495 -8.49 17.39 10.80
C THR B 495 -7.62 16.36 10.05
N ALA B 496 -6.51 15.91 10.62
CA ALA B 496 -5.66 14.98 9.87
C ALA B 496 -6.43 13.71 9.50
N PHE B 497 -7.32 13.32 10.39
CA PHE B 497 -8.05 12.08 10.21
C PHE B 497 -9.22 12.18 9.23
N HIS B 498 -9.66 13.41 8.95
CA HIS B 498 -10.57 13.70 7.86
C HIS B 498 -9.90 13.23 6.58
N TYR B 499 -8.65 13.63 6.36
CA TYR B 499 -7.90 13.24 5.15
C TYR B 499 -7.63 11.76 5.10
N ALA B 500 -7.33 11.20 6.26
CA ALA B 500 -7.08 9.78 6.36
C ALA B 500 -8.29 8.98 5.91
N ALA B 501 -9.45 9.41 6.35
CA ALA B 501 -10.72 8.75 6.00
C ALA B 501 -11.09 8.89 4.53
N GLU B 502 -10.51 9.85 3.83
CA GLU B 502 -10.76 10.08 2.40
C GLU B 502 -9.76 9.28 1.55
N PHE B 503 -8.66 8.89 2.16
CA PHE B 503 -7.58 8.31 1.41
C PHE B 503 -8.08 7.12 0.57
N GLY B 504 -8.00 7.30 -0.76
CA GLY B 504 -8.39 6.28 -1.72
C GLY B 504 -9.55 6.67 -2.59
N THR B 505 -10.18 7.81 -2.28
CA THR B 505 -11.12 8.51 -3.18
C THR B 505 -10.76 8.37 -4.66
S SO4 C . -0.57 -29.31 15.53
O1 SO4 C . 0.38 -28.38 16.20
O2 SO4 C . -1.09 -28.60 14.34
O3 SO4 C . 0.16 -30.54 15.12
O4 SO4 C . -1.67 -29.81 16.38
S SO4 D . -0.15 -28.68 10.44
O1 SO4 D . 0.35 -27.48 11.17
O2 SO4 D . -1.09 -28.21 9.39
O3 SO4 D . 0.97 -29.42 9.81
O4 SO4 D . -0.83 -29.56 11.42
S SO4 E . -14.92 -8.43 1.85
O1 SO4 E . -15.49 -7.68 0.71
O2 SO4 E . -15.91 -9.45 2.26
O3 SO4 E . -13.65 -9.08 1.46
O4 SO4 E . -14.69 -7.48 2.96
MG MG F . 6.44 -29.35 22.63
#